data_6ZT5
#
_entry.id   6ZT5
#
_cell.length_a   150.545
_cell.length_b   59.380
_cell.length_c   141.217
_cell.angle_alpha   90.000
_cell.angle_beta   119.710
_cell.angle_gamma   90.000
#
_symmetry.space_group_name_H-M   'C 1 2 1'
#
loop_
_entity.id
_entity.type
_entity.pdbx_description
1 polymer 'Pentapeptide repeat protein MfpA'
2 polymer 'DNA gyrase subunit B'
3 non-polymer 'SULFATE ION'
4 water water
#
loop_
_entity_poly.entity_id
_entity_poly.type
_entity_poly.pdbx_seq_one_letter_code
_entity_poly.pdbx_strand_id
1 'polypeptide(L)'
;SMRIGANGDETVWADEEFAGRDFRDEDLSRIRTERVVFTECDFSGVDLSESEHHGSAFRNCTFRRSTIWHSTFTNCSLLG
SVFTECRIRPVTFVECDFTLAVLGGCDLRAVDLSDCRLREVSLVGADLRKAVLRRADLTGSRVQDARLEEADLRGTRVDP
TFWTTAKVRGAKIDIEQALAYAAAHGLAVHGG
;
A,B
2 'polypeptide(L)'
;SMAAQKNNAPKEYGADSITILEGLEAVRKRPGMYIGSTGERGLHHLIWEVVDNAVDEAMAGFATRVDVKIHADGSVEVRD
DGRGIPVEMHATGMPTIDVVMTQLHAGGKFDGETYAVSGGLHGVGVSVVNALSTRLEATVLRDGYEWFQYYDRSVPGKLK
QGGETKETGTTIRFWADPEIFETTDYNFETVARRLQEMAFLNKGLTIELTDERVTAEEVVDDVVKDTAEAPKTADEKAAE
ATGPSKVKHRVFHYPGGLVDYVKHINRTKTPIQQSIIDFDGKGPGHEVEIAMQWNAGYSESVHTFANTINTHEGGTHEEG
FRAALTSVVNRYAKDKKLLKDKDPNLTGDDIREGLAAVISVKVAEPQFEGQTKTKLGNTEVKSFVQKICNEQLQHWFEAN
PAEAKTVVNKAVSSAQARIAARKARELV
;
C
#
# COMPACT_ATOMS: atom_id res chain seq x y z
N GLU A 10 7.20 -43.12 7.73
CA GLU A 10 8.48 -42.59 7.10
C GLU A 10 9.31 -41.88 8.18
N THR A 11 10.43 -42.49 8.58
CA THR A 11 11.40 -42.02 9.62
C THR A 11 11.72 -40.54 9.42
N VAL A 12 11.48 -39.70 10.43
CA VAL A 12 11.64 -38.22 10.32
C VAL A 12 13.11 -37.87 10.57
N TRP A 13 13.77 -37.24 9.60
CA TRP A 13 15.14 -36.67 9.70
C TRP A 13 15.01 -35.34 10.45
N ALA A 14 15.87 -35.06 11.42
CA ALA A 14 15.79 -33.86 12.28
C ALA A 14 17.20 -33.38 12.67
N ASP A 15 17.43 -32.08 12.62
CA ASP A 15 18.59 -31.41 13.28
C ASP A 15 19.90 -32.04 12.79
N GLU A 16 19.95 -32.37 11.50
CA GLU A 16 21.14 -32.93 10.80
C GLU A 16 21.59 -31.90 9.76
N GLU A 17 22.90 -31.81 9.50
CA GLU A 17 23.46 -31.06 8.36
C GLU A 17 24.05 -32.08 7.36
N PHE A 18 23.76 -31.91 6.06
CA PHE A 18 24.45 -32.57 4.93
C PHE A 18 25.16 -31.51 4.08
N ALA A 19 26.47 -31.63 3.89
CA ALA A 19 27.34 -30.64 3.23
C ALA A 19 28.03 -31.28 2.02
N GLY A 20 27.81 -30.74 0.82
CA GLY A 20 28.45 -31.19 -0.43
C GLY A 20 28.17 -32.65 -0.73
N ARG A 21 26.98 -33.13 -0.38
CA ARG A 21 26.57 -34.55 -0.52
C ARG A 21 25.89 -34.75 -1.89
N ASP A 22 26.31 -35.78 -2.62
CA ASP A 22 25.78 -36.13 -3.97
C ASP A 22 24.72 -37.22 -3.80
N PHE A 23 23.46 -36.89 -4.08
CA PHE A 23 22.26 -37.76 -3.86
C PHE A 23 21.74 -38.34 -5.18
N ARG A 24 22.43 -38.13 -6.30
CA ARG A 24 21.93 -38.49 -7.67
C ARG A 24 21.59 -39.99 -7.79
N ASP A 25 22.27 -40.80 -6.97
N ASP A 25 22.23 -40.88 -7.03
CA ASP A 25 22.19 -42.28 -6.81
CA ASP A 25 21.96 -42.34 -7.09
C ASP A 25 20.94 -42.73 -6.02
C ASP A 25 20.90 -42.75 -6.06
N GLU A 26 20.12 -41.79 -5.52
CA GLU A 26 19.12 -42.06 -4.44
C GLU A 26 17.68 -41.79 -4.90
N ASP A 27 16.74 -42.60 -4.43
CA ASP A 27 15.29 -42.32 -4.32
C ASP A 27 15.11 -41.61 -2.97
N LEU A 28 14.62 -40.38 -2.99
CA LEU A 28 14.28 -39.60 -1.76
C LEU A 28 12.77 -39.32 -1.75
N SER A 29 11.96 -40.14 -2.41
CA SER A 29 10.49 -39.93 -2.44
C SER A 29 9.93 -40.13 -1.03
N ARG A 30 9.01 -39.29 -0.59
CA ARG A 30 8.19 -39.48 0.65
C ARG A 30 9.03 -39.27 1.92
N ILE A 31 10.27 -38.77 1.83
CA ILE A 31 11.08 -38.44 3.04
C ILE A 31 10.46 -37.23 3.77
N ARG A 32 10.63 -37.20 5.08
CA ARG A 32 10.10 -36.14 5.97
C ARG A 32 11.28 -35.58 6.75
N THR A 33 11.52 -34.26 6.64
CA THR A 33 12.62 -33.55 7.33
C THR A 33 12.02 -32.46 8.22
N GLU A 34 12.66 -32.21 9.36
CA GLU A 34 12.37 -31.07 10.28
C GLU A 34 13.73 -30.49 10.65
N ARG A 35 13.96 -29.22 10.32
CA ARG A 35 15.21 -28.49 10.68
C ARG A 35 16.42 -29.26 10.14
N VAL A 36 16.35 -29.76 8.90
CA VAL A 36 17.52 -30.41 8.23
C VAL A 36 18.12 -29.39 7.26
N VAL A 37 19.44 -29.23 7.30
CA VAL A 37 20.19 -28.22 6.46
C VAL A 37 20.97 -29.01 5.40
N PHE A 38 20.54 -28.89 4.14
CA PHE A 38 21.27 -29.38 2.95
C PHE A 38 22.04 -28.22 2.32
N THR A 39 23.37 -28.23 2.45
CA THR A 39 24.29 -27.19 1.91
C THR A 39 25.02 -27.76 0.68
N GLU A 40 24.88 -27.11 -0.47
CA GLU A 40 25.60 -27.45 -1.75
C GLU A 40 25.47 -28.94 -2.08
N CYS A 41 24.29 -29.51 -1.87
CA CYS A 41 23.98 -30.92 -2.19
C CYS A 41 23.42 -31.00 -3.61
N ASP A 42 23.63 -32.15 -4.26
CA ASP A 42 23.24 -32.41 -5.67
C ASP A 42 22.01 -33.31 -5.65
N PHE A 43 20.86 -32.81 -6.12
CA PHE A 43 19.59 -33.55 -6.24
C PHE A 43 19.20 -33.72 -7.72
N SER A 44 20.12 -33.51 -8.66
CA SER A 44 19.92 -33.67 -10.12
C SER A 44 19.21 -35.01 -10.39
N GLY A 45 18.07 -34.98 -11.09
CA GLY A 45 17.38 -36.21 -11.57
C GLY A 45 16.75 -37.00 -10.44
N VAL A 46 16.80 -36.51 -9.21
CA VAL A 46 16.36 -37.28 -8.01
C VAL A 46 14.84 -37.17 -7.85
N ASP A 47 14.19 -38.27 -7.46
CA ASP A 47 12.75 -38.30 -7.08
C ASP A 47 12.65 -37.82 -5.63
N LEU A 48 12.13 -36.62 -5.43
CA LEU A 48 11.82 -36.04 -4.09
C LEU A 48 10.30 -35.85 -3.92
N SER A 49 9.49 -36.58 -4.68
CA SER A 49 8.01 -36.39 -4.77
C SER A 49 7.35 -36.81 -3.45
N GLU A 50 6.25 -36.17 -3.11
CA GLU A 50 5.42 -36.43 -1.90
C GLU A 50 6.26 -36.32 -0.63
N SER A 51 7.33 -35.52 -0.63
CA SER A 51 8.22 -35.33 0.54
C SER A 51 7.70 -34.15 1.38
N GLU A 52 8.11 -34.05 2.64
CA GLU A 52 7.55 -33.07 3.62
C GLU A 52 8.68 -32.44 4.42
N HIS A 53 8.73 -31.11 4.46
CA HIS A 53 9.85 -30.34 5.05
C HIS A 53 9.27 -29.21 5.91
N HIS A 54 9.68 -29.19 7.18
CA HIS A 54 9.35 -28.10 8.13
CA HIS A 54 9.35 -28.08 8.12
C HIS A 54 10.66 -27.49 8.65
N GLY A 55 10.88 -26.21 8.35
CA GLY A 55 12.08 -25.46 8.77
C GLY A 55 13.38 -26.02 8.23
N SER A 56 13.34 -26.74 7.12
CA SER A 56 14.56 -27.31 6.50
C SER A 56 15.18 -26.27 5.55
N ALA A 57 16.45 -26.43 5.26
CA ALA A 57 17.17 -25.51 4.36
C ALA A 57 17.78 -26.32 3.23
N PHE A 58 17.48 -25.91 2.00
CA PHE A 58 18.12 -26.44 0.77
C PHE A 58 18.89 -25.29 0.14
N ARG A 59 20.13 -25.06 0.57
CA ARG A 59 20.86 -23.84 0.15
C ARG A 59 21.96 -24.19 -0.84
N ASN A 60 22.02 -23.40 -1.89
CA ASN A 60 22.96 -23.53 -3.03
C ASN A 60 22.97 -25.00 -3.49
N CYS A 61 21.81 -25.68 -3.45
CA CYS A 61 21.63 -27.06 -3.97
C CYS A 61 21.19 -27.01 -5.43
N THR A 62 21.40 -28.10 -6.18
CA THR A 62 20.89 -28.22 -7.57
C THR A 62 19.73 -29.23 -7.58
N PHE A 63 18.60 -28.82 -8.17
CA PHE A 63 17.39 -29.65 -8.38
C PHE A 63 17.16 -29.81 -9.89
N ARG A 64 18.21 -29.67 -10.70
CA ARG A 64 18.22 -29.82 -12.18
C ARG A 64 17.57 -31.18 -12.52
N ARG A 65 16.41 -31.14 -13.18
CA ARG A 65 15.72 -32.34 -13.73
C ARG A 65 15.20 -33.26 -12.62
N SER A 66 15.01 -32.77 -11.39
CA SER A 66 14.45 -33.56 -10.26
C SER A 66 12.92 -33.46 -10.29
N THR A 67 12.25 -34.25 -9.44
CA THR A 67 10.79 -34.15 -9.21
C THR A 67 10.53 -33.77 -7.75
N ILE A 68 9.88 -32.64 -7.48
CA ILE A 68 9.45 -32.27 -6.09
C ILE A 68 7.93 -32.14 -6.04
N TRP A 69 7.19 -32.58 -7.05
CA TRP A 69 5.73 -32.37 -7.10
C TRP A 69 5.04 -33.13 -5.95
N HIS A 70 3.92 -32.58 -5.49
CA HIS A 70 3.06 -33.15 -4.43
C HIS A 70 3.78 -33.11 -3.08
N SER A 71 4.87 -32.34 -2.98
CA SER A 71 5.65 -32.13 -1.74
C SER A 71 5.06 -30.95 -0.98
N THR A 72 5.44 -30.81 0.29
CA THR A 72 5.10 -29.66 1.17
C THR A 72 6.38 -29.12 1.81
N PHE A 73 6.66 -27.84 1.60
CA PHE A 73 7.76 -27.08 2.25
C PHE A 73 7.12 -25.98 3.09
N THR A 74 7.27 -26.05 4.41
CA THR A 74 6.71 -25.05 5.34
C THR A 74 7.87 -24.38 6.08
N ASN A 75 7.97 -23.06 5.92
CA ASN A 75 9.02 -22.21 6.56
C ASN A 75 10.43 -22.69 6.19
N CYS A 76 10.65 -23.13 4.97
CA CYS A 76 11.97 -23.67 4.53
C CYS A 76 12.76 -22.58 3.78
N SER A 77 14.08 -22.75 3.69
CA SER A 77 14.96 -21.93 2.84
C SER A 77 15.31 -22.71 1.58
N LEU A 78 15.18 -22.06 0.43
CA LEU A 78 15.62 -22.56 -0.89
C LEU A 78 16.71 -21.62 -1.42
N LEU A 79 17.32 -20.83 -0.54
CA LEU A 79 18.27 -19.76 -0.90
C LEU A 79 19.32 -20.30 -1.90
N GLY A 80 19.43 -19.66 -3.05
CA GLY A 80 20.51 -19.92 -4.02
C GLY A 80 20.34 -21.23 -4.77
N SER A 81 19.23 -21.99 -4.57
CA SER A 81 19.10 -23.34 -5.22
C SER A 81 18.66 -23.18 -6.68
N VAL A 82 19.02 -24.16 -7.53
CA VAL A 82 18.77 -24.13 -8.99
C VAL A 82 17.66 -25.16 -9.29
N PHE A 83 16.59 -24.75 -9.95
CA PHE A 83 15.42 -25.59 -10.24
C PHE A 83 15.23 -25.82 -11.74
N THR A 84 16.27 -25.60 -12.56
CA THR A 84 16.24 -25.77 -14.03
C THR A 84 15.64 -27.14 -14.37
N GLU A 85 14.52 -27.14 -15.10
CA GLU A 85 13.83 -28.34 -15.64
C GLU A 85 13.38 -29.25 -14.49
N CYS A 86 13.18 -28.71 -13.29
CA CYS A 86 12.58 -29.46 -12.14
C CYS A 86 11.09 -29.62 -12.40
N ARG A 87 10.54 -30.82 -12.21
CA ARG A 87 9.06 -31.01 -12.15
C ARG A 87 8.58 -30.51 -10.78
N ILE A 88 7.97 -29.32 -10.72
CA ILE A 88 7.63 -28.60 -9.46
C ILE A 88 6.12 -28.74 -9.16
N ARG A 89 5.27 -28.33 -10.11
CA ARG A 89 3.81 -28.18 -9.88
C ARG A 89 3.12 -29.53 -10.03
N PRO A 90 2.04 -29.80 -9.26
CA PRO A 90 1.63 -28.94 -8.14
C PRO A 90 2.46 -29.26 -6.89
N VAL A 91 2.53 -28.29 -6.00
CA VAL A 91 3.42 -28.30 -4.80
C VAL A 91 2.85 -27.33 -3.77
N THR A 92 3.21 -27.50 -2.50
CA THR A 92 2.83 -26.56 -1.43
C THR A 92 4.09 -25.90 -0.86
N PHE A 93 4.19 -24.59 -0.97
CA PHE A 93 5.21 -23.75 -0.31
C PHE A 93 4.51 -22.77 0.64
N VAL A 94 4.81 -22.82 1.94
CA VAL A 94 4.28 -21.85 2.92
C VAL A 94 5.47 -21.07 3.48
N GLU A 95 5.54 -19.77 3.19
CA GLU A 95 6.49 -18.81 3.81
C GLU A 95 7.93 -19.30 3.61
N CYS A 96 8.27 -19.63 2.37
CA CYS A 96 9.60 -20.13 1.98
C CYS A 96 10.42 -18.99 1.41
N ASP A 97 11.74 -19.12 1.52
CA ASP A 97 12.71 -18.08 1.10
C ASP A 97 13.41 -18.64 -0.14
N PHE A 98 13.18 -18.03 -1.29
CA PHE A 98 13.79 -18.40 -2.59
C PHE A 98 14.90 -17.41 -2.97
N THR A 99 15.44 -16.61 -2.03
CA THR A 99 16.41 -15.55 -2.37
C THR A 99 17.50 -16.15 -3.28
N LEU A 100 17.76 -15.53 -4.42
CA LEU A 100 18.88 -15.84 -5.34
C LEU A 100 18.75 -17.24 -5.92
N ALA A 101 17.56 -17.84 -5.88
CA ALA A 101 17.32 -19.16 -6.51
C ALA A 101 17.20 -18.96 -8.02
N VAL A 102 17.38 -20.03 -8.78
CA VAL A 102 17.21 -20.00 -10.26
C VAL A 102 15.96 -20.80 -10.60
N LEU A 103 14.92 -20.11 -11.07
CA LEU A 103 13.67 -20.74 -11.55
C LEU A 103 13.41 -20.38 -13.02
N GLY A 104 14.46 -20.09 -13.77
CA GLY A 104 14.34 -19.73 -15.21
C GLY A 104 13.74 -20.87 -15.99
N GLY A 105 12.75 -20.58 -16.82
CA GLY A 105 12.07 -21.55 -17.69
C GLY A 105 11.15 -22.51 -16.93
N CYS A 106 10.99 -22.36 -15.61
CA CYS A 106 10.23 -23.36 -14.80
C CYS A 106 8.72 -23.20 -15.01
N ASP A 107 8.01 -24.33 -14.96
CA ASP A 107 6.53 -24.39 -14.99
C ASP A 107 5.99 -24.23 -13.56
N LEU A 108 5.63 -23.01 -13.18
CA LEU A 108 5.04 -22.68 -11.85
C LEU A 108 3.58 -22.22 -12.03
N ARG A 109 2.88 -22.72 -13.05
CA ARG A 109 1.47 -22.32 -13.31
C ARG A 109 0.60 -22.69 -12.09
N ALA A 110 -0.18 -21.71 -11.61
CA ALA A 110 -1.19 -21.88 -10.53
C ALA A 110 -0.52 -22.27 -9.20
N VAL A 111 0.79 -22.09 -9.05
CA VAL A 111 1.49 -22.37 -7.77
C VAL A 111 1.31 -21.16 -6.83
N ASP A 112 1.02 -21.43 -5.55
CA ASP A 112 0.77 -20.42 -4.51
C ASP A 112 2.11 -20.09 -3.84
N LEU A 113 2.64 -18.89 -4.07
CA LEU A 113 3.90 -18.43 -3.42
C LEU A 113 3.58 -17.18 -2.58
N SER A 114 2.34 -17.10 -2.07
CA SER A 114 1.93 -16.03 -1.14
C SER A 114 2.93 -15.97 0.00
N ASP A 115 3.35 -14.75 0.38
CA ASP A 115 4.20 -14.48 1.58
C ASP A 115 5.58 -15.15 1.45
N CYS A 116 6.02 -15.46 0.24
CA CYS A 116 7.36 -16.06 0.00
C CYS A 116 8.32 -14.93 -0.42
N ARG A 117 9.58 -15.05 0.02
N ARG A 117 9.58 -15.05 0.02
CA ARG A 117 10.65 -14.12 -0.38
CA ARG A 117 10.66 -14.12 -0.36
C ARG A 117 11.23 -14.64 -1.69
C ARG A 117 11.24 -14.64 -1.69
N LEU A 118 11.08 -13.89 -2.78
CA LEU A 118 11.64 -14.21 -4.11
C LEU A 118 12.59 -13.08 -4.51
N ARG A 119 13.39 -12.60 -3.56
CA ARG A 119 14.33 -11.48 -3.79
C ARG A 119 15.44 -11.97 -4.75
N GLU A 120 15.72 -11.24 -5.81
CA GLU A 120 16.84 -11.50 -6.76
C GLU A 120 16.80 -12.93 -7.30
N VAL A 121 15.61 -13.49 -7.49
CA VAL A 121 15.37 -14.81 -8.13
C VAL A 121 15.45 -14.61 -9.65
N SER A 122 15.95 -15.61 -10.36
CA SER A 122 15.81 -15.66 -11.83
C SER A 122 14.49 -16.31 -12.18
N LEU A 123 13.58 -15.56 -12.79
CA LEU A 123 12.33 -16.10 -13.37
C LEU A 123 12.33 -15.89 -14.90
N VAL A 124 13.51 -15.75 -15.52
CA VAL A 124 13.68 -15.55 -16.99
C VAL A 124 12.96 -16.68 -17.73
N GLY A 125 11.96 -16.36 -18.54
CA GLY A 125 11.16 -17.33 -19.31
C GLY A 125 10.29 -18.23 -18.45
N ALA A 126 10.13 -17.95 -17.16
CA ALA A 126 9.36 -18.79 -16.23
C ALA A 126 7.87 -18.65 -16.55
N ASP A 127 7.10 -19.73 -16.37
CA ASP A 127 5.63 -19.73 -16.62
C ASP A 127 4.93 -19.67 -15.25
N LEU A 128 4.41 -18.50 -14.88
CA LEU A 128 3.67 -18.23 -13.62
C LEU A 128 2.23 -17.82 -13.94
N ARG A 129 1.69 -18.26 -15.09
CA ARG A 129 0.27 -18.00 -15.41
C ARG A 129 -0.60 -18.58 -14.29
N LYS A 130 -1.50 -17.75 -13.75
CA LYS A 130 -2.49 -18.08 -12.69
C LYS A 130 -1.77 -18.32 -11.37
N ALA A 131 -0.46 -18.06 -11.28
CA ALA A 131 0.27 -18.20 -10.00
C ALA A 131 -0.34 -17.23 -8.97
N VAL A 132 -0.37 -17.61 -7.70
CA VAL A 132 -0.86 -16.73 -6.61
C VAL A 132 0.38 -16.25 -5.87
N LEU A 133 0.64 -14.94 -5.93
CA LEU A 133 1.89 -14.30 -5.47
C LEU A 133 1.58 -13.20 -4.47
N ARG A 134 0.52 -13.32 -3.65
CA ARG A 134 0.07 -12.20 -2.78
C ARG A 134 1.11 -11.94 -1.70
N ARG A 135 1.47 -10.68 -1.51
CA ARG A 135 2.39 -10.17 -0.46
C ARG A 135 3.78 -10.79 -0.62
N ALA A 136 4.11 -11.36 -1.77
CA ALA A 136 5.46 -11.92 -2.02
C ALA A 136 6.42 -10.76 -2.30
N ASP A 137 7.71 -10.99 -2.11
CA ASP A 137 8.75 -9.97 -2.41
C ASP A 137 9.51 -10.45 -3.65
N LEU A 138 9.30 -9.77 -4.77
CA LEU A 138 9.97 -10.06 -6.07
C LEU A 138 10.98 -8.95 -6.37
N THR A 139 11.45 -8.20 -5.36
CA THR A 139 12.41 -7.10 -5.60
C THR A 139 13.71 -7.72 -6.13
N GLY A 140 14.31 -7.05 -7.11
CA GLY A 140 15.59 -7.43 -7.75
C GLY A 140 15.47 -8.70 -8.59
N SER A 141 14.28 -9.24 -8.79
CA SER A 141 14.11 -10.51 -9.54
C SER A 141 14.21 -10.21 -11.04
N ARG A 142 14.63 -11.22 -11.80
CA ARG A 142 14.82 -11.12 -13.28
C ARG A 142 13.59 -11.75 -13.93
N VAL A 143 12.76 -10.98 -14.63
CA VAL A 143 11.43 -11.43 -15.14
C VAL A 143 11.32 -11.21 -16.65
N GLN A 144 12.46 -11.01 -17.32
CA GLN A 144 12.54 -10.99 -18.80
C GLN A 144 11.81 -12.23 -19.32
N ASP A 145 10.86 -12.03 -20.23
CA ASP A 145 10.07 -13.11 -20.89
C ASP A 145 9.18 -13.88 -19.89
N ALA A 146 9.11 -13.48 -18.61
CA ALA A 146 8.29 -14.19 -17.60
C ALA A 146 6.80 -14.04 -17.95
N ARG A 147 6.03 -15.12 -17.90
CA ARG A 147 4.56 -15.13 -18.15
C ARG A 147 3.81 -15.04 -16.82
N LEU A 148 3.26 -13.87 -16.49
CA LEU A 148 2.46 -13.61 -15.24
C LEU A 148 0.97 -13.42 -15.60
N GLU A 149 0.52 -13.85 -16.78
CA GLU A 149 -0.87 -13.62 -17.24
C GLU A 149 -1.82 -14.24 -16.19
N GLU A 150 -2.74 -13.43 -15.66
CA GLU A 150 -3.84 -13.87 -14.77
C GLU A 150 -3.27 -14.33 -13.41
N ALA A 151 -2.03 -13.97 -13.09
CA ALA A 151 -1.45 -14.17 -11.74
C ALA A 151 -2.15 -13.26 -10.74
N ASP A 152 -2.16 -13.64 -9.47
CA ASP A 152 -2.63 -12.76 -8.38
C ASP A 152 -1.39 -12.08 -7.78
N LEU A 153 -1.24 -10.77 -8.04
CA LEU A 153 -0.05 -9.97 -7.64
C LEU A 153 -0.39 -9.01 -6.51
N ARG A 154 -1.59 -9.08 -5.94
CA ARG A 154 -2.06 -8.07 -4.98
C ARG A 154 -1.10 -8.06 -3.80
N GLY A 155 -0.57 -6.88 -3.43
CA GLY A 155 0.34 -6.71 -2.28
C GLY A 155 1.77 -7.15 -2.59
N THR A 156 2.06 -7.65 -3.78
CA THR A 156 3.42 -8.17 -4.14
C THR A 156 4.35 -6.98 -4.35
N ARG A 157 5.51 -6.99 -3.71
CA ARG A 157 6.56 -5.96 -3.91
C ARG A 157 7.36 -6.28 -5.18
N VAL A 158 7.31 -5.38 -6.16
CA VAL A 158 8.04 -5.47 -7.45
C VAL A 158 8.72 -4.13 -7.73
N ASP A 159 9.87 -4.19 -8.38
CA ASP A 159 10.57 -3.03 -9.00
C ASP A 159 9.68 -2.43 -10.08
N PRO A 160 9.70 -1.10 -10.28
CA PRO A 160 8.98 -0.50 -11.41
C PRO A 160 9.19 -1.16 -12.79
N THR A 161 10.40 -1.62 -13.14
CA THR A 161 10.67 -2.24 -14.47
C THR A 161 9.83 -3.51 -14.65
N PHE A 162 9.37 -4.11 -13.56
CA PHE A 162 8.52 -5.31 -13.59
C PHE A 162 7.33 -5.05 -14.52
N TRP A 163 6.75 -3.86 -14.42
CA TRP A 163 5.51 -3.48 -15.12
C TRP A 163 5.72 -3.33 -16.63
N THR A 164 6.96 -3.14 -17.11
CA THR A 164 7.29 -2.99 -18.55
C THR A 164 8.04 -4.24 -19.07
N THR A 165 8.19 -5.29 -18.26
CA THR A 165 9.06 -6.45 -18.58
C THR A 165 8.24 -7.74 -18.54
N ALA A 166 7.58 -8.02 -17.41
CA ALA A 166 6.74 -9.23 -17.22
C ALA A 166 5.50 -9.11 -18.12
N LYS A 167 4.97 -10.25 -18.57
CA LYS A 167 3.68 -10.31 -19.30
C LYS A 167 2.58 -10.45 -18.24
N VAL A 168 1.78 -9.41 -18.03
CA VAL A 168 0.83 -9.32 -16.88
C VAL A 168 -0.61 -9.16 -17.37
N ARG A 169 -0.90 -9.41 -18.66
CA ARG A 169 -2.29 -9.34 -19.16
C ARG A 169 -3.19 -10.18 -18.23
N GLY A 170 -4.24 -9.57 -17.67
CA GLY A 170 -5.27 -10.23 -16.84
C GLY A 170 -4.83 -10.43 -15.40
N ALA A 171 -3.63 -9.97 -15.01
CA ALA A 171 -3.12 -10.08 -13.62
C ALA A 171 -4.00 -9.24 -12.68
N LYS A 172 -4.14 -9.70 -11.43
CA LYS A 172 -4.82 -8.95 -10.36
C LYS A 172 -3.78 -8.11 -9.64
N ILE A 173 -4.02 -6.81 -9.53
CA ILE A 173 -3.14 -5.85 -8.80
C ILE A 173 -4.01 -4.93 -7.92
N ASP A 174 -3.36 -4.24 -6.98
CA ASP A 174 -4.00 -3.29 -6.03
C ASP A 174 -3.84 -1.87 -6.60
N ILE A 175 -4.46 -0.87 -5.94
CA ILE A 175 -4.47 0.55 -6.37
C ILE A 175 -3.02 1.03 -6.51
N GLU A 176 -2.20 0.87 -5.46
CA GLU A 176 -0.77 1.30 -5.41
C GLU A 176 -0.02 0.74 -6.62
N GLN A 177 -0.22 -0.54 -6.94
CA GLN A 177 0.42 -1.20 -8.11
C GLN A 177 -0.04 -0.56 -9.43
N ALA A 178 -1.33 -0.22 -9.55
CA ALA A 178 -1.88 0.44 -10.76
C ALA A 178 -1.20 1.80 -10.95
N LEU A 179 -0.98 2.56 -9.87
CA LEU A 179 -0.24 3.85 -9.94
C LEU A 179 1.20 3.59 -10.42
N ALA A 180 1.86 2.57 -9.90
CA ALA A 180 3.25 2.23 -10.32
C ALA A 180 3.24 1.78 -11.79
N TYR A 181 2.19 1.10 -12.23
CA TYR A 181 2.09 0.59 -13.63
C TYR A 181 2.10 1.80 -14.56
N ALA A 182 1.35 2.85 -14.20
CA ALA A 182 1.21 4.07 -15.04
C ALA A 182 2.54 4.83 -15.05
N ALA A 183 3.16 5.02 -13.89
CA ALA A 183 4.45 5.73 -13.73
C ALA A 183 5.52 5.00 -14.53
N ALA A 184 5.52 3.67 -14.49
CA ALA A 184 6.53 2.83 -15.20
C ALA A 184 6.36 3.02 -16.70
N HIS A 185 5.16 3.38 -17.19
CA HIS A 185 4.90 3.64 -18.64
C HIS A 185 5.02 5.13 -18.94
N GLY A 186 5.47 5.93 -17.98
CA GLY A 186 5.84 7.34 -18.18
C GLY A 186 4.71 8.32 -17.92
N LEU A 187 3.55 7.86 -17.44
CA LEU A 187 2.42 8.76 -17.08
C LEU A 187 2.82 9.49 -15.80
N ALA A 188 2.47 10.78 -15.70
CA ALA A 188 2.64 11.60 -14.47
C ALA A 188 1.32 11.60 -13.72
N VAL A 189 1.17 10.77 -12.69
CA VAL A 189 -0.09 10.67 -11.91
C VAL A 189 -0.10 11.77 -10.84
N HIS A 190 -1.18 12.56 -10.79
CA HIS A 190 -1.39 13.59 -9.76
C HIS A 190 -2.46 13.10 -8.78
N GLY A 191 -2.01 12.68 -7.58
CA GLY A 191 -2.85 12.58 -6.38
C GLY A 191 -3.57 13.88 -6.11
N GLY A 192 -3.01 15.00 -6.61
CA GLY A 192 -3.64 16.33 -6.69
C GLY A 192 -3.07 17.16 -7.83
N GLU B 10 -15.73 47.95 -35.78
CA GLU B 10 -15.95 46.50 -35.49
C GLU B 10 -17.23 46.02 -36.18
N THR B 11 -17.11 45.21 -37.24
CA THR B 11 -18.25 44.60 -38.00
C THR B 11 -18.92 43.53 -37.13
N VAL B 12 -20.21 43.70 -36.79
CA VAL B 12 -20.95 42.78 -35.87
C VAL B 12 -22.11 42.13 -36.64
N TRP B 13 -22.14 40.79 -36.68
CA TRP B 13 -23.30 39.98 -37.15
C TRP B 13 -23.95 39.33 -35.94
N ALA B 14 -25.28 39.29 -35.88
CA ALA B 14 -26.05 38.79 -34.71
C ALA B 14 -27.36 38.15 -35.17
N ASP B 15 -27.71 36.99 -34.61
CA ASP B 15 -29.06 36.39 -34.72
C ASP B 15 -29.41 36.23 -36.21
N GLU B 16 -28.41 35.85 -37.00
CA GLU B 16 -28.46 35.64 -38.46
C GLU B 16 -28.16 34.17 -38.74
N GLU B 17 -28.77 33.62 -39.79
CA GLU B 17 -28.47 32.27 -40.34
C GLU B 17 -27.86 32.44 -41.72
N PHE B 18 -26.74 31.77 -41.99
CA PHE B 18 -26.08 31.68 -43.33
C PHE B 18 -26.01 30.20 -43.74
N ALA B 19 -26.57 29.85 -44.90
CA ALA B 19 -26.66 28.46 -45.41
C ALA B 19 -25.95 28.36 -46.75
N GLY B 20 -24.95 27.47 -46.86
CA GLY B 20 -24.23 27.15 -48.09
C GLY B 20 -23.57 28.38 -48.70
N ARG B 21 -23.09 29.31 -47.87
CA ARG B 21 -22.47 30.59 -48.31
C ARG B 21 -20.95 30.39 -48.48
N ASP B 22 -20.41 30.88 -49.60
CA ASP B 22 -18.98 30.80 -49.97
C ASP B 22 -18.30 32.12 -49.57
N PHE B 23 -17.43 32.10 -48.55
CA PHE B 23 -16.75 33.28 -47.97
C PHE B 23 -15.29 33.40 -48.44
N ARG B 24 -14.83 32.53 -49.36
CA ARG B 24 -13.38 32.35 -49.69
C ARG B 24 -12.71 33.67 -50.10
N ASP B 25 -13.44 34.56 -50.80
CA ASP B 25 -12.86 35.80 -51.36
C ASP B 25 -13.12 36.98 -50.41
N GLU B 26 -13.39 36.71 -49.13
CA GLU B 26 -13.67 37.75 -48.10
C GLU B 26 -12.55 37.76 -47.05
N ASP B 27 -12.12 38.97 -46.66
CA ASP B 27 -11.33 39.22 -45.43
C ASP B 27 -12.35 39.33 -44.29
N LEU B 28 -12.29 38.40 -43.34
CA LEU B 28 -13.18 38.35 -42.16
C LEU B 28 -12.32 38.54 -40.91
N SER B 29 -11.17 39.20 -41.02
CA SER B 29 -10.32 39.51 -39.85
C SER B 29 -11.07 40.51 -38.96
N ARG B 30 -11.02 40.29 -37.65
CA ARG B 30 -11.50 41.23 -36.60
C ARG B 30 -13.03 41.32 -36.58
N ILE B 31 -13.78 40.46 -37.30
CA ILE B 31 -15.28 40.46 -37.22
C ILE B 31 -15.70 39.91 -35.86
N ARG B 32 -16.86 40.35 -35.39
CA ARG B 32 -17.55 39.77 -34.22
C ARG B 32 -18.88 39.18 -34.70
N THR B 33 -19.16 37.94 -34.29
CA THR B 33 -20.48 37.27 -34.45
C THR B 33 -21.05 36.99 -33.06
N GLU B 34 -22.37 37.10 -32.93
CA GLU B 34 -23.12 36.73 -31.70
C GLU B 34 -24.35 35.94 -32.14
N ARG B 35 -24.45 34.67 -31.73
CA ARG B 35 -25.64 33.81 -32.00
C ARG B 35 -25.88 33.74 -33.51
N VAL B 36 -24.80 33.59 -34.29
CA VAL B 36 -24.87 33.42 -35.77
C VAL B 36 -24.71 31.93 -36.06
N VAL B 37 -25.57 31.38 -36.91
CA VAL B 37 -25.57 29.96 -37.32
C VAL B 37 -25.07 29.90 -38.78
N PHE B 38 -23.86 29.36 -38.97
CA PHE B 38 -23.27 29.06 -40.30
C PHE B 38 -23.43 27.58 -40.59
N THR B 39 -24.27 27.23 -41.56
CA THR B 39 -24.53 25.84 -42.01
C THR B 39 -23.84 25.62 -43.37
N GLU B 40 -22.92 24.65 -43.45
CA GLU B 40 -22.21 24.21 -44.69
C GLU B 40 -21.64 25.41 -45.45
N CYS B 41 -21.03 26.35 -44.74
CA CYS B 41 -20.36 27.54 -45.33
C CYS B 41 -18.87 27.22 -45.55
N ASP B 42 -18.26 27.89 -46.52
CA ASP B 42 -16.86 27.66 -46.95
C ASP B 42 -16.01 28.81 -46.42
N PHE B 43 -15.05 28.53 -45.52
CA PHE B 43 -14.07 29.50 -44.98
C PHE B 43 -12.63 29.14 -45.42
N SER B 44 -12.49 28.28 -46.43
CA SER B 44 -11.17 27.83 -46.97
C SER B 44 -10.28 29.06 -47.23
N GLY B 45 -9.06 29.07 -46.69
CA GLY B 45 -8.06 30.10 -47.02
C GLY B 45 -8.41 31.47 -46.46
N VAL B 46 -9.48 31.57 -45.68
CA VAL B 46 -10.04 32.87 -45.23
C VAL B 46 -9.25 33.35 -44.01
N ASP B 47 -8.96 34.65 -43.97
CA ASP B 47 -8.37 35.32 -42.79
C ASP B 47 -9.51 35.61 -41.81
N LEU B 48 -9.55 34.85 -40.72
CA LEU B 48 -10.50 35.01 -39.59
C LEU B 48 -9.72 35.44 -38.35
N SER B 49 -8.53 36.03 -38.48
CA SER B 49 -7.63 36.36 -37.35
C SER B 49 -8.25 37.46 -36.49
N GLU B 50 -7.98 37.45 -35.18
CA GLU B 50 -8.46 38.42 -34.17
C GLU B 50 -10.00 38.53 -34.20
N SER B 51 -10.73 37.50 -34.65
CA SER B 51 -12.21 37.53 -34.75
C SER B 51 -12.79 37.01 -33.42
N GLU B 52 -14.07 37.29 -33.17
CA GLU B 52 -14.73 37.05 -31.87
C GLU B 52 -16.11 36.45 -32.13
N HIS B 53 -16.43 35.35 -31.47
CA HIS B 53 -17.65 34.55 -31.70
C HIS B 53 -18.22 34.18 -30.34
N HIS B 54 -19.45 34.60 -30.08
CA HIS B 54 -20.17 34.30 -28.80
C HIS B 54 -21.49 33.63 -29.17
N GLY B 55 -21.64 32.37 -28.77
CA GLY B 55 -22.84 31.55 -29.02
C GLY B 55 -23.08 31.30 -30.49
N SER B 56 -22.06 31.38 -31.34
CA SER B 56 -22.22 31.13 -32.79
C SER B 56 -22.06 29.64 -33.08
N ALA B 57 -22.55 29.20 -34.23
CA ALA B 57 -22.53 27.79 -34.61
C ALA B 57 -21.94 27.70 -36.02
N PHE B 58 -20.90 26.88 -36.17
CA PHE B 58 -20.23 26.59 -37.46
C PHE B 58 -20.43 25.10 -37.71
N ARG B 59 -21.51 24.76 -38.41
CA ARG B 59 -21.99 23.37 -38.62
C ARG B 59 -21.54 22.90 -40.01
N ASN B 60 -20.77 21.80 -40.08
CA ASN B 60 -20.30 21.17 -41.34
C ASN B 60 -19.71 22.25 -42.24
N CYS B 61 -18.99 23.21 -41.65
CA CYS B 61 -18.24 24.27 -42.39
C CYS B 61 -16.80 23.78 -42.63
N THR B 62 -16.11 24.37 -43.61
CA THR B 62 -14.70 24.05 -43.90
C THR B 62 -13.84 25.26 -43.53
N PHE B 63 -12.78 25.02 -42.74
CA PHE B 63 -11.73 26.01 -42.37
C PHE B 63 -10.38 25.55 -42.91
N ARG B 64 -10.41 24.72 -43.96
CA ARG B 64 -9.23 24.19 -44.69
C ARG B 64 -8.32 25.36 -45.06
N ARG B 65 -7.13 25.42 -44.47
CA ARG B 65 -6.05 26.37 -44.82
C ARG B 65 -6.44 27.82 -44.44
N SER B 66 -7.36 28.00 -43.48
CA SER B 66 -7.75 29.35 -42.97
C SER B 66 -6.81 29.74 -41.83
N THR B 67 -6.91 30.99 -41.37
CA THR B 67 -6.17 31.53 -40.20
C THR B 67 -7.17 31.98 -39.14
N ILE B 68 -7.11 31.42 -37.93
CA ILE B 68 -7.98 31.82 -36.79
C ILE B 68 -7.11 32.28 -35.62
N TRP B 69 -5.82 32.56 -35.85
CA TRP B 69 -4.87 33.17 -34.87
C TRP B 69 -5.51 34.31 -34.09
N HIS B 70 -5.33 34.33 -32.76
CA HIS B 70 -5.70 35.46 -31.87
C HIS B 70 -7.21 35.65 -31.78
N SER B 71 -8.00 34.66 -32.23
CA SER B 71 -9.47 34.68 -32.22
C SER B 71 -9.97 34.14 -30.90
N THR B 72 -11.23 34.43 -30.58
CA THR B 72 -11.95 33.98 -29.36
C THR B 72 -13.29 33.41 -29.79
N PHE B 73 -13.52 32.15 -29.42
CA PHE B 73 -14.80 31.44 -29.55
C PHE B 73 -15.27 31.13 -28.14
N THR B 74 -16.42 31.67 -27.75
CA THR B 74 -17.03 31.50 -26.41
C THR B 74 -18.39 30.84 -26.61
N ASN B 75 -18.57 29.65 -26.03
CA ASN B 75 -19.84 28.88 -26.06
C ASN B 75 -20.31 28.67 -27.51
N CYS B 76 -19.39 28.40 -28.44
CA CYS B 76 -19.73 28.16 -29.86
C CYS B 76 -19.82 26.67 -30.15
N SER B 77 -20.53 26.30 -31.22
CA SER B 77 -20.51 24.94 -31.83
C SER B 77 -19.58 24.98 -33.05
N LEU B 78 -18.73 23.95 -33.15
CA LEU B 78 -17.90 23.69 -34.36
C LEU B 78 -18.34 22.34 -34.95
N LEU B 79 -19.58 21.92 -34.70
CA LEU B 79 -20.11 20.57 -35.06
C LEU B 79 -19.72 20.22 -36.49
N GLY B 80 -18.98 19.13 -36.68
CA GLY B 80 -18.68 18.50 -37.98
C GLY B 80 -17.78 19.35 -38.87
N SER B 81 -17.20 20.44 -38.36
CA SER B 81 -16.44 21.40 -39.19
C SER B 81 -15.01 20.87 -39.35
N VAL B 82 -14.38 21.24 -40.46
CA VAL B 82 -13.08 20.65 -40.92
C VAL B 82 -11.99 21.71 -40.75
N PHE B 83 -10.91 21.39 -40.04
CA PHE B 83 -9.83 22.36 -39.70
C PHE B 83 -8.50 21.99 -40.36
N THR B 84 -8.50 21.14 -41.38
CA THR B 84 -7.25 20.63 -42.02
C THR B 84 -6.37 21.82 -42.43
N GLU B 85 -5.16 21.87 -41.90
CA GLU B 85 -4.09 22.85 -42.26
C GLU B 85 -4.56 24.26 -41.89
N CYS B 86 -5.45 24.38 -40.91
CA CYS B 86 -5.85 25.68 -40.33
C CYS B 86 -4.71 26.19 -39.44
N ARG B 87 -4.33 27.47 -39.58
CA ARG B 87 -3.44 28.14 -38.59
C ARG B 87 -4.28 28.45 -37.36
N ILE B 88 -4.10 27.68 -36.29
CA ILE B 88 -4.99 27.65 -35.10
C ILE B 88 -4.33 28.41 -33.93
N ARG B 89 -3.14 28.00 -33.49
CA ARG B 89 -2.50 28.56 -32.27
C ARG B 89 -1.81 29.87 -32.62
N PRO B 90 -1.86 30.93 -31.77
CA PRO B 90 -2.64 30.90 -30.53
C PRO B 90 -4.11 31.23 -30.77
N VAL B 91 -4.99 30.70 -29.92
CA VAL B 91 -6.47 30.87 -30.05
C VAL B 91 -7.10 30.69 -28.67
N THR B 92 -8.29 31.23 -28.47
CA THR B 92 -9.08 31.07 -27.23
C THR B 92 -10.40 30.37 -27.58
N PHE B 93 -10.60 29.20 -27.00
CA PHE B 93 -11.88 28.45 -27.00
C PHE B 93 -12.36 28.33 -25.55
N VAL B 94 -13.53 28.88 -25.25
CA VAL B 94 -14.17 28.74 -23.91
C VAL B 94 -15.46 27.93 -24.11
N GLU B 95 -15.50 26.75 -23.51
CA GLU B 95 -16.75 25.94 -23.35
C GLU B 95 -17.38 25.69 -24.72
N CYS B 96 -16.57 25.31 -25.73
CA CYS B 96 -17.05 25.09 -27.10
C CYS B 96 -17.33 23.60 -27.32
N ASP B 97 -18.24 23.29 -28.25
CA ASP B 97 -18.64 21.91 -28.62
C ASP B 97 -18.07 21.66 -30.01
N PHE B 98 -17.12 20.73 -30.11
CA PHE B 98 -16.43 20.31 -31.34
C PHE B 98 -16.92 18.94 -31.83
N THR B 99 -18.15 18.54 -31.48
CA THR B 99 -18.66 17.19 -31.85
C THR B 99 -18.42 16.96 -33.35
N LEU B 100 -17.79 15.83 -33.69
CA LEU B 100 -17.60 15.34 -35.08
C LEU B 100 -16.67 16.26 -35.88
N ALA B 101 -15.97 17.20 -35.27
CA ALA B 101 -15.06 18.12 -35.99
C ALA B 101 -13.84 17.32 -36.48
N VAL B 102 -13.20 17.79 -37.55
CA VAL B 102 -12.03 17.11 -38.17
C VAL B 102 -10.81 17.97 -37.90
N LEU B 103 -9.94 17.51 -37.00
CA LEU B 103 -8.69 18.19 -36.58
C LEU B 103 -7.51 17.25 -36.83
N GLY B 104 -7.66 16.32 -37.79
CA GLY B 104 -6.59 15.38 -38.22
C GLY B 104 -5.38 16.15 -38.71
N GLY B 105 -4.21 15.82 -38.20
CA GLY B 105 -2.92 16.44 -38.61
C GLY B 105 -2.74 17.86 -38.06
N CYS B 106 -3.67 18.39 -37.28
CA CYS B 106 -3.60 19.83 -36.84
C CYS B 106 -2.55 20.02 -35.74
N ASP B 107 -1.89 21.18 -35.76
CA ASP B 107 -0.95 21.64 -34.73
C ASP B 107 -1.74 22.33 -33.60
N LEU B 108 -2.07 21.58 -32.55
CA LEU B 108 -2.80 22.07 -31.36
C LEU B 108 -1.88 22.03 -30.14
N ARG B 109 -0.56 22.15 -30.34
CA ARG B 109 0.40 22.16 -29.22
C ARG B 109 0.10 23.37 -28.32
N ALA B 110 0.02 23.13 -27.01
CA ALA B 110 -0.15 24.16 -25.94
C ALA B 110 -1.45 24.92 -26.10
N VAL B 111 -2.41 24.42 -26.88
CA VAL B 111 -3.78 25.03 -26.97
C VAL B 111 -4.60 24.51 -25.79
N ASP B 112 -5.40 25.40 -25.19
CA ASP B 112 -6.27 25.11 -24.01
C ASP B 112 -7.66 24.72 -24.50
N LEU B 113 -8.05 23.45 -24.34
CA LEU B 113 -9.41 22.98 -24.72
C LEU B 113 -10.11 22.44 -23.48
N SER B 114 -9.69 22.92 -22.32
CA SER B 114 -10.35 22.65 -21.02
C SER B 114 -11.86 22.86 -21.19
N ASP B 115 -12.67 21.95 -20.63
CA ASP B 115 -14.14 22.08 -20.49
C ASP B 115 -14.83 22.14 -21.87
N CYS B 116 -14.18 21.67 -22.93
CA CYS B 116 -14.74 21.62 -24.29
C CYS B 116 -15.25 20.20 -24.57
N ARG B 117 -16.32 20.07 -25.35
CA ARG B 117 -16.85 18.76 -25.81
C ARG B 117 -16.08 18.41 -27.08
N LEU B 118 -15.29 17.34 -27.06
CA LEU B 118 -14.53 16.82 -28.23
C LEU B 118 -15.02 15.42 -28.57
N ARG B 119 -16.33 15.19 -28.48
CA ARG B 119 -16.96 13.89 -28.77
C ARG B 119 -16.79 13.58 -30.26
N GLU B 120 -16.35 12.35 -30.56
CA GLU B 120 -16.29 11.79 -31.94
C GLU B 120 -15.48 12.72 -32.86
N VAL B 121 -14.48 13.41 -32.32
CA VAL B 121 -13.55 14.29 -33.08
C VAL B 121 -12.49 13.41 -33.75
N SER B 122 -12.07 13.76 -34.96
CA SER B 122 -10.87 13.17 -35.59
C SER B 122 -9.66 13.98 -35.12
N LEU B 123 -8.79 13.33 -34.34
CA LEU B 123 -7.45 13.85 -33.98
C LEU B 123 -6.35 12.96 -34.59
N VAL B 124 -6.66 12.23 -35.67
CA VAL B 124 -5.69 11.30 -36.35
C VAL B 124 -4.45 12.10 -36.74
N GLY B 125 -3.29 11.72 -36.21
CA GLY B 125 -2.00 12.36 -36.52
C GLY B 125 -1.91 13.80 -36.01
N ALA B 126 -2.84 14.20 -35.15
CA ALA B 126 -2.87 15.57 -34.59
C ALA B 126 -1.74 15.71 -33.57
N ASP B 127 -1.19 16.92 -33.45
CA ASP B 127 -0.13 17.23 -32.46
C ASP B 127 -0.77 18.03 -31.31
N LEU B 128 -0.96 17.39 -30.15
CA LEU B 128 -1.51 18.02 -28.92
C LEU B 128 -0.46 18.02 -27.80
N ARG B 129 0.84 17.94 -28.13
CA ARG B 129 1.92 17.99 -27.10
C ARG B 129 1.74 19.27 -26.27
N LYS B 130 1.68 19.11 -24.94
CA LYS B 130 1.56 20.20 -23.93
C LYS B 130 0.19 20.88 -24.02
N ALA B 131 -0.73 20.36 -24.81
CA ALA B 131 -2.12 20.86 -24.86
C ALA B 131 -2.73 20.71 -23.47
N VAL B 132 -3.63 21.62 -23.10
CA VAL B 132 -4.35 21.62 -21.80
C VAL B 132 -5.77 21.16 -22.12
N LEU B 133 -6.14 19.98 -21.62
CA LEU B 133 -7.39 19.26 -21.96
C LEU B 133 -8.15 18.89 -20.69
N ARG B 134 -8.10 19.72 -19.64
CA ARG B 134 -8.74 19.41 -18.34
C ARG B 134 -10.27 19.38 -18.48
N ARG B 135 -10.90 18.34 -17.93
CA ARG B 135 -12.36 18.21 -17.74
C ARG B 135 -13.08 18.18 -19.11
N ALA B 136 -12.37 17.93 -20.20
CA ALA B 136 -12.93 17.83 -21.57
C ALA B 136 -13.52 16.45 -21.80
N ASP B 137 -14.33 16.29 -22.85
CA ASP B 137 -14.96 14.99 -23.18
C ASP B 137 -14.40 14.57 -24.54
N LEU B 138 -13.55 13.54 -24.55
CA LEU B 138 -12.92 12.97 -25.78
C LEU B 138 -13.54 11.61 -26.12
N THR B 139 -14.73 11.31 -25.60
CA THR B 139 -15.45 10.05 -25.89
C THR B 139 -15.67 9.91 -27.39
N GLY B 140 -15.46 8.71 -27.93
CA GLY B 140 -15.68 8.36 -29.34
C GLY B 140 -14.67 9.00 -30.28
N SER B 141 -13.64 9.67 -29.78
CA SER B 141 -12.71 10.42 -30.65
C SER B 141 -11.71 9.44 -31.26
N ARG B 142 -11.17 9.79 -32.43
CA ARG B 142 -10.16 9.00 -33.20
C ARG B 142 -8.79 9.61 -32.93
N VAL B 143 -7.93 8.89 -32.21
CA VAL B 143 -6.61 9.42 -31.72
C VAL B 143 -5.44 8.56 -32.22
N GLN B 144 -5.66 7.73 -33.25
CA GLN B 144 -4.59 7.02 -33.98
C GLN B 144 -3.47 8.02 -34.29
N ASP B 145 -2.25 7.72 -33.85
CA ASP B 145 -1.02 8.53 -34.10
C ASP B 145 -1.12 9.92 -33.44
N ALA B 146 -2.12 10.19 -32.60
CA ALA B 146 -2.24 11.50 -31.90
C ALA B 146 -1.11 11.63 -30.89
N ARG B 147 -0.43 12.78 -30.87
CA ARG B 147 0.70 13.07 -29.93
C ARG B 147 0.15 13.85 -28.74
N LEU B 148 0.01 13.20 -27.58
CA LEU B 148 -0.48 13.83 -26.32
C LEU B 148 0.67 13.90 -25.30
N GLU B 149 1.93 13.84 -25.74
CA GLU B 149 3.09 13.83 -24.81
C GLU B 149 3.04 15.12 -23.98
N GLU B 150 3.01 15.00 -22.66
CA GLU B 150 3.08 16.10 -21.68
C GLU B 150 1.80 16.96 -21.73
N ALA B 151 0.73 16.47 -22.36
CA ALA B 151 -0.61 17.13 -22.32
C ALA B 151 -1.17 17.03 -20.90
N ASP B 152 -2.02 18.00 -20.52
CA ASP B 152 -2.71 17.95 -19.21
C ASP B 152 -4.10 17.36 -19.45
N LEU B 153 -4.31 16.11 -19.02
CA LEU B 153 -5.54 15.32 -19.30
C LEU B 153 -6.41 15.20 -18.04
N ARG B 154 -6.05 15.85 -16.94
CA ARG B 154 -6.71 15.62 -15.63
C ARG B 154 -8.21 15.90 -15.77
N GLY B 155 -9.05 14.95 -15.35
CA GLY B 155 -10.51 15.07 -15.34
C GLY B 155 -11.13 14.81 -16.71
N THR B 156 -10.32 14.53 -17.75
CA THR B 156 -10.85 14.36 -19.13
C THR B 156 -11.48 12.98 -19.25
N ARG B 157 -12.66 12.89 -19.86
CA ARG B 157 -13.31 11.59 -20.16
C ARG B 157 -12.78 11.04 -21.48
N VAL B 158 -12.22 9.83 -21.47
CA VAL B 158 -11.73 9.11 -22.69
C VAL B 158 -12.23 7.66 -22.70
N ASP B 159 -12.44 7.08 -23.89
CA ASP B 159 -12.67 5.63 -24.09
C ASP B 159 -11.42 4.86 -23.66
N PRO B 160 -11.54 3.65 -23.07
CA PRO B 160 -10.36 2.84 -22.77
C PRO B 160 -9.31 2.71 -23.90
N THR B 161 -9.71 2.58 -25.18
CA THR B 161 -8.76 2.43 -26.31
C THR B 161 -7.85 3.67 -26.44
N PHE B 162 -8.28 4.81 -25.90
CA PHE B 162 -7.47 6.06 -25.90
C PHE B 162 -6.10 5.75 -25.27
N TRP B 163 -6.09 5.01 -24.18
CA TRP B 163 -4.85 4.75 -23.39
C TRP B 163 -3.90 3.79 -24.12
N THR B 164 -4.36 3.03 -25.13
CA THR B 164 -3.53 2.07 -25.90
C THR B 164 -3.28 2.62 -27.32
N THR B 165 -3.72 3.85 -27.63
CA THR B 165 -3.71 4.39 -29.02
C THR B 165 -2.94 5.72 -29.06
N ALA B 166 -3.31 6.68 -28.21
CA ALA B 166 -2.67 8.00 -28.10
C ALA B 166 -1.26 7.83 -27.53
N LYS B 167 -0.34 8.71 -27.93
CA LYS B 167 1.03 8.79 -27.37
C LYS B 167 0.95 9.71 -26.15
N VAL B 168 1.01 9.18 -24.93
CA VAL B 168 0.71 9.92 -23.68
C VAL B 168 1.94 9.92 -22.75
N ARG B 169 3.12 9.58 -23.24
CA ARG B 169 4.33 9.63 -22.39
C ARG B 169 4.42 11.04 -21.79
N GLY B 170 4.51 11.12 -20.45
CA GLY B 170 4.68 12.38 -19.69
C GLY B 170 3.39 13.17 -19.52
N ALA B 171 2.24 12.68 -20.00
CA ALA B 171 0.90 13.30 -19.80
C ALA B 171 0.56 13.33 -18.32
N LYS B 172 -0.14 14.38 -17.89
CA LYS B 172 -0.66 14.54 -16.52
C LYS B 172 -2.05 13.94 -16.48
N ILE B 173 -2.27 13.00 -15.57
CA ILE B 173 -3.56 12.29 -15.38
C ILE B 173 -3.86 12.21 -13.89
N ASP B 174 -5.11 11.90 -13.55
CA ASP B 174 -5.60 11.76 -12.15
C ASP B 174 -5.58 10.29 -11.78
N ILE B 175 -5.88 9.98 -10.52
CA ILE B 175 -5.83 8.59 -9.96
C ILE B 175 -6.77 7.72 -10.81
N GLU B 176 -8.03 8.13 -10.95
CA GLU B 176 -9.09 7.41 -11.70
C GLU B 176 -8.58 7.07 -13.12
N GLN B 177 -7.95 8.00 -13.81
CA GLN B 177 -7.39 7.78 -15.17
C GLN B 177 -6.26 6.74 -15.13
N ALA B 178 -5.40 6.75 -14.10
CA ALA B 178 -4.32 5.75 -13.94
C ALA B 178 -4.92 4.35 -13.80
N LEU B 179 -6.02 4.21 -13.06
CA LEU B 179 -6.78 2.93 -12.95
C LEU B 179 -7.30 2.53 -14.34
N ALA B 180 -7.86 3.46 -15.10
CA ALA B 180 -8.39 3.16 -16.45
C ALA B 180 -7.21 2.80 -17.38
N TYR B 181 -6.03 3.40 -17.20
CA TYR B 181 -4.84 3.13 -18.03
C TYR B 181 -4.47 1.64 -17.86
N ALA B 182 -4.52 1.15 -16.61
CA ALA B 182 -4.14 -0.24 -16.28
C ALA B 182 -5.19 -1.19 -16.86
N ALA B 183 -6.47 -0.89 -16.67
CA ALA B 183 -7.61 -1.71 -17.17
C ALA B 183 -7.55 -1.79 -18.69
N ALA B 184 -7.21 -0.69 -19.35
CA ALA B 184 -7.11 -0.61 -20.83
C ALA B 184 -5.99 -1.53 -21.31
N HIS B 185 -4.96 -1.78 -20.48
CA HIS B 185 -3.83 -2.69 -20.81
C HIS B 185 -4.11 -4.11 -20.29
N GLY B 186 -5.30 -4.34 -19.73
CA GLY B 186 -5.81 -5.68 -19.42
C GLY B 186 -5.54 -6.07 -17.98
N LEU B 187 -5.02 -5.16 -17.14
CA LEU B 187 -4.81 -5.45 -15.69
C LEU B 187 -6.21 -5.46 -15.05
N ALA B 188 -6.46 -6.37 -14.12
CA ALA B 188 -7.67 -6.41 -13.27
C ALA B 188 -7.35 -5.73 -11.95
N VAL B 189 -7.75 -4.46 -11.81
CA VAL B 189 -7.45 -3.65 -10.60
C VAL B 189 -8.46 -3.98 -9.48
N HIS B 190 -7.94 -4.53 -8.37
CA HIS B 190 -8.57 -4.61 -7.02
C HIS B 190 -9.30 -5.95 -6.81
N ILE C 35 -10.31 11.41 8.64
CA ILE C 35 -11.21 10.78 7.62
C ILE C 35 -11.20 9.25 7.80
N GLY C 36 -10.48 8.53 6.93
CA GLY C 36 -10.59 7.08 6.70
C GLY C 36 -11.01 6.78 5.26
N SER C 37 -11.99 5.87 5.09
CA SER C 37 -12.91 5.79 3.92
C SER C 37 -14.36 5.69 4.46
N THR C 38 -15.35 5.40 3.61
CA THR C 38 -16.78 5.22 4.01
C THR C 38 -17.15 3.74 3.91
N GLY C 39 -16.15 2.84 3.84
CA GLY C 39 -16.31 1.38 3.92
C GLY C 39 -15.85 0.83 5.26
N GLU C 40 -15.49 -0.46 5.32
CA GLU C 40 -15.07 -1.17 6.56
C GLU C 40 -13.90 -0.44 7.24
N ARG C 41 -12.95 0.12 6.48
CA ARG C 41 -11.76 0.85 7.00
C ARG C 41 -12.21 2.07 7.83
N GLY C 42 -13.19 2.83 7.32
CA GLY C 42 -13.66 4.10 7.90
C GLY C 42 -14.64 3.90 9.04
N LEU C 43 -15.63 3.01 8.85
CA LEU C 43 -16.60 2.62 9.89
C LEU C 43 -15.84 2.28 11.18
N HIS C 44 -14.86 1.39 11.08
CA HIS C 44 -14.02 0.90 12.19
C HIS C 44 -13.19 2.02 12.82
N HIS C 45 -12.88 3.08 12.06
CA HIS C 45 -12.02 4.19 12.54
C HIS C 45 -12.76 4.97 13.63
N LEU C 46 -14.09 5.02 13.55
CA LEU C 46 -14.96 5.57 14.63
C LEU C 46 -14.55 4.91 15.95
N ILE C 47 -14.59 3.58 15.98
CA ILE C 47 -14.19 2.76 17.17
C ILE C 47 -12.77 3.14 17.61
N TRP C 48 -11.80 3.13 16.68
CA TRP C 48 -10.37 3.39 17.01
C TRP C 48 -10.22 4.79 17.62
N GLU C 49 -10.96 5.79 17.14
CA GLU C 49 -10.89 7.17 17.66
C GLU C 49 -11.35 7.21 19.13
N VAL C 50 -12.48 6.60 19.47
CA VAL C 50 -12.96 6.59 20.88
C VAL C 50 -11.97 5.79 21.72
N VAL C 51 -11.64 4.57 21.29
CA VAL C 51 -10.75 3.65 22.06
C VAL C 51 -9.38 4.31 22.28
N ASP C 52 -8.83 5.02 21.29
CA ASP C 52 -7.52 5.73 21.40
C ASP C 52 -7.56 6.70 22.60
N ASN C 53 -8.62 7.50 22.76
CA ASN C 53 -8.75 8.45 23.90
C ASN C 53 -8.66 7.69 25.23
N ALA C 54 -9.28 6.51 25.33
CA ALA C 54 -9.16 5.61 26.49
C ALA C 54 -7.70 5.16 26.68
N VAL C 55 -7.06 4.69 25.62
CA VAL C 55 -5.65 4.19 25.66
C VAL C 55 -4.70 5.33 26.06
N ASP C 56 -4.95 6.56 25.62
CA ASP C 56 -4.16 7.75 26.05
C ASP C 56 -4.17 7.85 27.58
N GLU C 57 -5.31 7.60 28.24
CA GLU C 57 -5.44 7.62 29.72
C GLU C 57 -4.54 6.53 30.33
N ALA C 58 -4.57 5.33 29.73
CA ALA C 58 -3.71 4.17 30.09
C ALA C 58 -2.23 4.55 30.02
N MET C 59 -1.77 5.01 28.85
CA MET C 59 -0.36 5.46 28.61
C MET C 59 0.08 6.49 29.65
N ALA C 60 -0.84 7.34 30.14
CA ALA C 60 -0.59 8.40 31.15
C ALA C 60 -0.58 7.81 32.57
N GLY C 61 -0.90 6.52 32.71
CA GLY C 61 -0.88 5.76 33.98
C GLY C 61 -2.14 5.96 34.81
N PHE C 62 -3.28 6.33 34.22
CA PHE C 62 -4.51 6.69 34.98
C PHE C 62 -5.65 5.67 34.75
N ALA C 63 -5.72 5.05 33.57
CA ALA C 63 -6.76 4.03 33.24
C ALA C 63 -6.16 2.62 33.35
N THR C 64 -6.95 1.64 33.77
CA THR C 64 -6.53 0.22 33.92
C THR C 64 -7.47 -0.71 33.17
N ARG C 65 -8.63 -0.21 32.74
CA ARG C 65 -9.74 -1.04 32.23
C ARG C 65 -10.40 -0.29 31.07
N VAL C 66 -10.57 -0.93 29.92
CA VAL C 66 -11.36 -0.38 28.78
C VAL C 66 -12.39 -1.44 28.39
N ASP C 67 -13.65 -1.05 28.35
CA ASP C 67 -14.79 -1.94 28.01
C ASP C 67 -15.40 -1.44 26.70
N VAL C 68 -15.58 -2.34 25.74
CA VAL C 68 -16.12 -2.02 24.39
C VAL C 68 -17.31 -2.96 24.15
N LYS C 69 -18.47 -2.40 23.82
CA LYS C 69 -19.68 -3.17 23.52
C LYS C 69 -20.21 -2.77 22.15
N ILE C 70 -20.52 -3.75 21.31
CA ILE C 70 -21.31 -3.53 20.07
C ILE C 70 -22.75 -3.94 20.40
N HIS C 71 -23.63 -2.97 20.63
CA HIS C 71 -25.03 -3.21 21.07
C HIS C 71 -25.86 -3.66 19.87
N ALA C 72 -26.99 -4.33 20.12
CA ALA C 72 -27.90 -4.90 19.10
C ALA C 72 -28.47 -3.78 18.21
N ASP C 73 -28.45 -2.52 18.67
CA ASP C 73 -28.99 -1.35 17.94
C ASP C 73 -27.93 -0.77 16.99
N GLY C 74 -26.71 -1.31 16.97
CA GLY C 74 -25.63 -0.86 16.06
C GLY C 74 -24.85 0.30 16.62
N SER C 75 -25.18 0.77 17.83
CA SER C 75 -24.34 1.75 18.58
C SER C 75 -23.11 1.03 19.13
N VAL C 76 -22.06 1.78 19.44
CA VAL C 76 -20.84 1.23 20.10
C VAL C 76 -20.65 2.02 21.39
N GLU C 77 -20.37 1.30 22.47
CA GLU C 77 -20.13 1.90 23.79
C GLU C 77 -18.70 1.57 24.20
N VAL C 78 -17.95 2.58 24.62
CA VAL C 78 -16.56 2.44 25.12
C VAL C 78 -16.48 3.10 26.49
N ARG C 79 -16.02 2.37 27.50
CA ARG C 79 -15.91 2.83 28.91
C ARG C 79 -14.46 2.65 29.37
N ASP C 80 -13.94 3.65 30.11
CA ASP C 80 -12.59 3.62 30.72
C ASP C 80 -12.68 4.16 32.15
N ASP C 81 -11.83 3.66 33.05
CA ASP C 81 -11.66 4.18 34.44
C ASP C 81 -10.51 5.21 34.45
N GLY C 82 -10.42 6.05 33.42
CA GLY C 82 -9.50 7.19 33.34
C GLY C 82 -9.91 8.32 34.27
N ARG C 83 -9.60 9.56 33.87
CA ARG C 83 -9.78 10.79 34.70
C ARG C 83 -11.09 11.52 34.33
N GLY C 84 -11.72 11.11 33.23
CA GLY C 84 -12.90 11.74 32.64
C GLY C 84 -12.51 12.86 31.72
N ILE C 85 -13.20 13.01 30.58
CA ILE C 85 -13.14 14.23 29.74
C ILE C 85 -13.42 15.43 30.64
N PRO C 86 -12.61 16.51 30.60
CA PRO C 86 -12.86 17.70 31.44
C PRO C 86 -14.27 18.28 31.27
N VAL C 87 -14.86 18.68 32.40
CA VAL C 87 -16.31 18.99 32.54
C VAL C 87 -16.48 20.52 32.64
N GLU C 88 -15.56 21.20 33.34
CA GLU C 88 -15.62 22.65 33.70
C GLU C 88 -15.71 23.54 32.45
N MET C 89 -16.06 24.82 32.67
CA MET C 89 -16.31 25.87 31.64
C MET C 89 -15.00 26.26 30.95
N HIS C 90 -14.93 26.12 29.61
CA HIS C 90 -13.76 26.48 28.77
C HIS C 90 -13.69 27.99 28.57
N ALA C 91 -12.76 28.46 27.72
CA ALA C 91 -12.65 29.87 27.27
C ALA C 91 -13.69 30.14 26.17
N THR C 92 -13.95 29.13 25.33
CA THR C 92 -14.91 29.15 24.18
C THR C 92 -16.24 29.79 24.58
N GLY C 93 -16.67 29.68 25.85
CA GLY C 93 -18.00 30.05 26.33
C GLY C 93 -18.95 28.86 26.35
N MET C 94 -18.39 27.65 26.52
CA MET C 94 -19.11 26.35 26.58
C MET C 94 -18.26 25.36 27.38
N PRO C 95 -18.88 24.36 28.07
CA PRO C 95 -18.13 23.35 28.82
C PRO C 95 -17.11 22.60 27.97
N THR C 96 -15.92 22.31 28.55
CA THR C 96 -14.71 21.82 27.82
C THR C 96 -15.05 20.57 27.00
N ILE C 97 -15.90 19.68 27.52
CA ILE C 97 -16.38 18.43 26.83
C ILE C 97 -17.05 18.80 25.49
N ASP C 98 -17.85 19.85 25.45
CA ASP C 98 -18.60 20.30 24.24
C ASP C 98 -17.61 20.75 23.15
N VAL C 99 -16.53 21.43 23.54
CA VAL C 99 -15.47 21.94 22.60
C VAL C 99 -14.64 20.74 22.09
N VAL C 100 -14.60 19.64 22.85
CA VAL C 100 -13.92 18.37 22.46
C VAL C 100 -14.76 17.65 21.40
N MET C 101 -16.08 17.84 21.36
CA MET C 101 -17.03 17.01 20.57
C MET C 101 -17.54 17.73 19.31
N THR C 102 -17.34 19.05 19.17
CA THR C 102 -17.88 19.86 18.04
C THR C 102 -16.75 20.33 17.09
N GLN C 103 -15.82 21.17 17.56
CA GLN C 103 -14.75 21.80 16.74
C GLN C 103 -13.57 20.81 16.58
N LEU C 104 -13.14 20.59 15.33
CA LEU C 104 -12.07 19.61 14.93
C LEU C 104 -10.67 20.19 15.21
N HIS C 105 -9.74 19.35 15.68
CA HIS C 105 -8.30 19.68 15.89
C HIS C 105 -8.16 20.77 16.97
N GLY C 125 -9.49 13.53 17.07
CA GLY C 125 -10.39 13.63 18.25
C GLY C 125 -11.77 13.06 17.99
N VAL C 126 -12.52 12.77 19.05
CA VAL C 126 -13.90 12.21 19.03
C VAL C 126 -14.84 13.07 18.16
N SER C 127 -14.49 14.33 17.89
CA SER C 127 -15.25 15.26 17.00
C SER C 127 -15.64 14.58 15.69
N VAL C 128 -14.71 13.86 15.06
CA VAL C 128 -14.92 13.14 13.76
C VAL C 128 -16.10 12.17 13.95
N VAL C 129 -16.09 11.45 15.07
CA VAL C 129 -17.12 10.43 15.45
C VAL C 129 -18.47 11.14 15.61
N ASN C 130 -18.52 12.21 16.40
CA ASN C 130 -19.75 13.00 16.63
C ASN C 130 -20.33 13.39 15.27
N ALA C 131 -19.48 13.90 14.38
CA ALA C 131 -19.85 14.49 13.06
C ALA C 131 -20.41 13.40 12.13
N LEU C 132 -19.96 12.16 12.27
CA LEU C 132 -20.43 11.04 11.43
C LEU C 132 -21.43 10.14 12.18
N SER C 133 -22.15 10.67 13.19
CA SER C 133 -23.11 9.90 14.01
C SER C 133 -24.42 10.68 14.21
N THR C 134 -25.56 10.06 13.87
CA THR C 134 -26.93 10.58 14.14
C THR C 134 -27.07 10.94 15.63
N ARG C 135 -26.26 10.32 16.51
CA ARG C 135 -26.26 10.59 17.98
C ARG C 135 -24.95 10.14 18.62
N LEU C 136 -24.46 10.93 19.58
CA LEU C 136 -23.39 10.55 20.54
C LEU C 136 -23.89 10.85 21.96
N GLU C 137 -23.49 10.04 22.94
CA GLU C 137 -23.78 10.24 24.39
C GLU C 137 -22.50 10.05 25.19
N ALA C 138 -22.19 11.00 26.07
CA ALA C 138 -21.03 10.94 26.99
C ALA C 138 -21.54 10.95 28.43
N THR C 139 -21.18 9.92 29.19
CA THR C 139 -21.32 9.86 30.67
C THR C 139 -19.92 10.02 31.26
N VAL C 140 -19.71 11.05 32.07
CA VAL C 140 -18.37 11.32 32.64
C VAL C 140 -18.45 11.35 34.16
N LEU C 141 -17.52 10.64 34.80
CA LEU C 141 -17.23 10.66 36.25
C LEU C 141 -16.02 11.58 36.45
N ARG C 142 -16.21 12.78 37.02
CA ARG C 142 -15.09 13.74 37.23
C ARG C 142 -15.48 14.84 38.22
N ASP C 143 -14.51 15.32 39.00
CA ASP C 143 -14.62 16.50 39.89
C ASP C 143 -15.64 16.22 41.02
N GLY C 144 -15.88 14.95 41.32
CA GLY C 144 -16.75 14.50 42.43
C GLY C 144 -18.21 14.34 42.05
N TYR C 145 -18.55 14.26 40.76
CA TYR C 145 -19.94 14.10 40.25
C TYR C 145 -19.99 13.21 39.01
N GLU C 146 -21.13 12.52 38.81
CA GLU C 146 -21.55 11.95 37.52
C GLU C 146 -22.10 13.08 36.65
N TRP C 147 -21.76 13.07 35.36
CA TRP C 147 -22.25 14.04 34.36
C TRP C 147 -22.80 13.27 33.16
N PHE C 148 -23.79 13.82 32.46
CA PHE C 148 -24.33 13.26 31.19
C PHE C 148 -24.51 14.42 30.21
N GLN C 149 -24.07 14.20 28.97
CA GLN C 149 -24.21 15.16 27.84
C GLN C 149 -24.56 14.33 26.60
N TYR C 150 -25.34 14.88 25.68
CA TYR C 150 -25.78 14.17 24.45
C TYR C 150 -25.58 15.10 23.25
N TYR C 151 -25.59 14.53 22.04
CA TYR C 151 -25.45 15.27 20.76
C TYR C 151 -26.38 14.60 19.75
N ASP C 152 -27.23 15.36 19.07
CA ASP C 152 -28.08 14.88 17.94
C ASP C 152 -27.54 15.53 16.67
N ARG C 153 -26.94 14.73 15.78
CA ARG C 153 -26.16 15.20 14.60
C ARG C 153 -25.17 16.28 15.03
N SER C 154 -24.53 16.10 16.20
CA SER C 154 -23.40 16.90 16.72
C SER C 154 -23.89 18.10 17.52
N VAL C 155 -25.17 18.46 17.39
CA VAL C 155 -25.80 19.60 18.12
C VAL C 155 -25.89 19.20 19.60
N PRO C 156 -25.13 19.86 20.51
CA PRO C 156 -25.17 19.52 21.93
C PRO C 156 -26.51 19.82 22.61
N GLY C 157 -26.91 18.97 23.56
CA GLY C 157 -27.88 19.30 24.64
C GLY C 157 -27.18 20.05 25.76
N LYS C 158 -27.85 20.25 26.88
CA LYS C 158 -27.29 20.99 28.06
C LYS C 158 -26.62 19.96 28.98
N LEU C 159 -25.31 20.08 29.21
CA LEU C 159 -24.56 19.25 30.18
C LEU C 159 -25.37 19.17 31.48
N LYS C 160 -25.67 17.95 31.94
CA LYS C 160 -26.49 17.70 33.16
C LYS C 160 -25.60 17.12 34.26
N GLN C 161 -25.74 17.62 35.49
CA GLN C 161 -25.00 17.13 36.69
C GLN C 161 -25.90 16.10 37.40
N GLY C 162 -25.37 14.88 37.60
CA GLY C 162 -26.00 13.80 38.39
C GLY C 162 -25.56 13.89 39.85
N GLY C 163 -25.37 12.75 40.51
CA GLY C 163 -25.00 12.67 41.94
C GLY C 163 -23.51 12.60 42.15
N GLU C 164 -23.09 12.60 43.42
CA GLU C 164 -21.68 12.63 43.86
C GLU C 164 -21.05 11.25 43.69
N THR C 165 -19.74 11.21 43.47
CA THR C 165 -18.90 9.98 43.42
C THR C 165 -17.43 10.38 43.50
N LYS C 166 -16.62 9.58 44.19
CA LYS C 166 -15.13 9.71 44.18
C LYS C 166 -14.55 9.02 42.94
N GLU C 167 -15.35 8.20 42.23
CA GLU C 167 -14.89 7.48 40.99
C GLU C 167 -14.65 8.46 39.85
N THR C 168 -13.68 8.15 38.97
CA THR C 168 -13.36 8.95 37.75
C THR C 168 -13.30 8.02 36.53
N GLY C 169 -13.85 8.48 35.40
CA GLY C 169 -13.87 7.74 34.13
C GLY C 169 -14.75 8.41 33.09
N THR C 170 -14.89 7.76 31.92
CA THR C 170 -15.62 8.26 30.73
C THR C 170 -16.33 7.09 30.06
N THR C 171 -17.55 7.30 29.57
CA THR C 171 -18.29 6.37 28.69
C THR C 171 -18.83 7.14 27.49
N ILE C 172 -18.49 6.66 26.29
CA ILE C 172 -18.91 7.22 24.99
C ILE C 172 -19.73 6.16 24.26
N ARG C 173 -20.95 6.51 23.88
CA ARG C 173 -21.82 5.64 23.07
C ARG C 173 -22.19 6.44 21.81
N PHE C 174 -21.88 5.91 20.63
CA PHE C 174 -22.18 6.60 19.34
C PHE C 174 -22.93 5.66 18.40
N TRP C 175 -23.81 6.24 17.58
CA TRP C 175 -24.59 5.56 16.52
C TRP C 175 -24.09 6.06 15.15
N ALA C 176 -23.27 5.27 14.47
CA ALA C 176 -22.77 5.57 13.11
C ALA C 176 -23.97 5.92 12.21
N ASP C 177 -23.85 7.01 11.43
CA ASP C 177 -24.86 7.53 10.47
C ASP C 177 -24.92 6.59 9.27
N PRO C 178 -26.03 5.85 9.06
CA PRO C 178 -26.15 4.94 7.92
C PRO C 178 -26.27 5.63 6.55
N GLU C 179 -26.58 6.94 6.53
CA GLU C 179 -26.68 7.77 5.30
C GLU C 179 -25.26 8.18 4.82
N ILE C 180 -24.24 8.06 5.68
CA ILE C 180 -22.81 8.37 5.37
C ILE C 180 -22.08 7.09 4.98
N PHE C 181 -22.20 6.03 5.80
CA PHE C 181 -21.43 4.77 5.67
C PHE C 181 -22.23 3.77 4.81
N GLU C 182 -21.55 3.16 3.82
CA GLU C 182 -22.11 2.12 2.92
C GLU C 182 -22.66 0.97 3.77
N THR C 183 -21.88 0.53 4.77
CA THR C 183 -22.24 -0.52 5.74
C THR C 183 -21.96 0.00 7.16
N THR C 184 -22.89 -0.21 8.09
CA THR C 184 -22.75 0.10 9.55
C THR C 184 -22.47 -1.20 10.32
N ASP C 185 -22.21 -2.29 9.59
CA ASP C 185 -22.09 -3.67 10.11
C ASP C 185 -20.62 -3.94 10.44
N TYR C 186 -20.18 -3.43 11.58
CA TYR C 186 -18.86 -3.69 12.22
C TYR C 186 -18.53 -5.18 12.18
N ASN C 187 -17.23 -5.50 12.14
CA ASN C 187 -16.67 -6.88 12.08
C ASN C 187 -16.02 -7.23 13.43
N PHE C 188 -16.60 -8.18 14.14
CA PHE C 188 -16.15 -8.63 15.49
C PHE C 188 -14.66 -8.99 15.46
N GLU C 189 -14.26 -9.77 14.46
CA GLU C 189 -12.90 -10.38 14.32
C GLU C 189 -11.88 -9.26 14.14
N THR C 190 -12.18 -8.28 13.28
CA THR C 190 -11.39 -7.04 13.10
C THR C 190 -11.23 -6.35 14.46
N VAL C 191 -12.34 -5.98 15.10
CA VAL C 191 -12.31 -5.21 16.38
C VAL C 191 -11.45 -5.97 17.40
N ALA C 192 -11.68 -7.29 17.54
CA ALA C 192 -10.99 -8.14 18.52
C ALA C 192 -9.48 -8.12 18.25
N ARG C 193 -9.07 -8.29 17.00
CA ARG C 193 -7.64 -8.28 16.59
C ARG C 193 -6.99 -6.93 16.92
N ARG C 194 -7.67 -5.80 16.69
CA ARG C 194 -7.11 -4.48 17.05
C ARG C 194 -7.02 -4.34 18.59
N LEU C 195 -8.02 -4.76 19.36
CA LEU C 195 -8.02 -4.55 20.84
C LEU C 195 -6.96 -5.43 21.49
N GLN C 196 -6.80 -6.66 20.96
CA GLN C 196 -5.74 -7.59 21.42
C GLN C 196 -4.36 -6.91 21.26
N GLU C 197 -4.11 -6.37 20.06
CA GLU C 197 -2.88 -5.61 19.74
C GLU C 197 -2.70 -4.50 20.78
N MET C 198 -3.72 -3.70 21.06
CA MET C 198 -3.62 -2.60 22.07
C MET C 198 -3.23 -3.17 23.44
N ALA C 199 -3.80 -4.31 23.81
CA ALA C 199 -3.53 -4.96 25.12
C ALA C 199 -2.06 -5.36 25.19
N PHE C 200 -1.51 -5.98 24.15
CA PHE C 200 -0.06 -6.31 24.09
C PHE C 200 0.80 -5.07 24.35
N LEU C 201 0.37 -3.92 23.84
CA LEU C 201 1.18 -2.66 23.90
C LEU C 201 0.97 -1.90 25.21
N ASN C 202 -0.07 -2.21 25.99
CA ASN C 202 -0.34 -1.52 27.28
C ASN C 202 -0.43 -2.62 28.36
N LYS C 203 0.71 -3.01 28.93
CA LYS C 203 0.86 -4.05 30.01
C LYS C 203 -0.26 -3.98 31.06
N GLY C 204 -0.49 -2.80 31.63
CA GLY C 204 -1.30 -2.63 32.86
C GLY C 204 -2.79 -2.55 32.58
N LEU C 205 -3.19 -2.88 31.34
CA LEU C 205 -4.54 -2.59 30.79
C LEU C 205 -5.27 -3.91 30.53
N THR C 206 -6.52 -4.01 31.00
CA THR C 206 -7.47 -5.10 30.64
C THR C 206 -8.45 -4.49 29.63
N ILE C 207 -8.67 -5.16 28.51
CA ILE C 207 -9.66 -4.70 27.48
C ILE C 207 -10.66 -5.83 27.28
N GLU C 208 -11.93 -5.53 27.57
CA GLU C 208 -13.06 -6.46 27.47
C GLU C 208 -13.86 -6.07 26.22
N LEU C 209 -14.23 -7.05 25.41
CA LEU C 209 -15.09 -6.84 24.20
C LEU C 209 -16.35 -7.70 24.33
N THR C 210 -17.53 -7.09 24.12
CA THR C 210 -18.83 -7.80 24.04
C THR C 210 -19.56 -7.33 22.78
N ASP C 211 -19.91 -8.25 21.87
CA ASP C 211 -20.77 -8.01 20.69
C ASP C 211 -22.13 -8.66 21.01
N GLU C 212 -23.23 -7.87 21.04
CA GLU C 212 -24.58 -8.33 21.46
C GLU C 212 -25.46 -8.61 20.23
N ARG C 213 -24.93 -8.42 19.02
CA ARG C 213 -25.67 -8.66 17.76
C ARG C 213 -25.70 -10.16 17.45
N VAL C 214 -26.90 -10.73 17.24
CA VAL C 214 -27.11 -12.08 16.66
C VAL C 214 -27.62 -11.89 15.22
N THR C 215 -26.88 -12.40 14.22
CA THR C 215 -27.06 -12.05 12.78
C THR C 215 -28.32 -12.74 12.22
N SER C 245 -30.71 -14.47 24.24
CA SER C 245 -29.84 -13.56 23.45
C SER C 245 -28.35 -13.78 23.82
N LYS C 246 -27.61 -14.52 22.98
CA LYS C 246 -26.18 -14.91 23.23
C LYS C 246 -25.26 -13.74 22.85
N VAL C 247 -24.13 -13.58 23.54
CA VAL C 247 -23.11 -12.54 23.21
C VAL C 247 -21.82 -13.22 22.72
N LYS C 248 -21.01 -12.50 21.97
CA LYS C 248 -19.59 -12.85 21.69
C LYS C 248 -18.74 -12.01 22.64
N HIS C 249 -18.00 -12.66 23.54
CA HIS C 249 -17.18 -12.01 24.59
C HIS C 249 -15.70 -12.37 24.46
N ARG C 250 -14.80 -11.41 24.64
CA ARG C 250 -13.34 -11.64 24.77
C ARG C 250 -12.76 -10.73 25.86
N VAL C 251 -11.79 -11.24 26.61
CA VAL C 251 -10.91 -10.44 27.52
C VAL C 251 -9.46 -10.52 27.02
N PHE C 252 -8.83 -9.37 26.79
CA PHE C 252 -7.41 -9.19 26.42
C PHE C 252 -6.67 -8.53 27.58
N HIS C 253 -5.86 -9.32 28.27
CA HIS C 253 -4.94 -8.88 29.35
C HIS C 253 -3.61 -9.62 29.23
N TYR C 254 -2.51 -8.88 29.07
CA TYR C 254 -1.16 -9.45 28.81
C TYR C 254 -0.18 -8.78 29.77
N PRO C 255 -0.01 -9.34 30.99
CA PRO C 255 0.84 -8.73 32.01
C PRO C 255 2.29 -8.59 31.53
N GLY C 256 2.75 -9.54 30.71
CA GLY C 256 4.10 -9.56 30.09
C GLY C 256 4.27 -8.56 28.95
N GLY C 257 3.18 -7.94 28.46
CA GLY C 257 3.23 -6.93 27.38
C GLY C 257 3.93 -7.43 26.13
N LEU C 258 4.94 -6.71 25.64
CA LEU C 258 5.70 -7.09 24.40
C LEU C 258 6.24 -8.53 24.54
N VAL C 259 6.64 -8.95 25.73
CA VAL C 259 7.10 -10.35 25.97
C VAL C 259 6.01 -11.32 25.52
N ASP C 260 4.76 -11.09 25.93
CA ASP C 260 3.63 -11.96 25.52
C ASP C 260 3.44 -11.84 24.00
N TYR C 261 3.62 -10.64 23.43
CA TYR C 261 3.47 -10.42 21.97
C TYR C 261 4.46 -11.35 21.25
N VAL C 262 5.71 -11.42 21.69
CA VAL C 262 6.77 -12.22 21.03
C VAL C 262 6.41 -13.70 21.16
N LYS C 263 5.99 -14.12 22.35
CA LYS C 263 5.50 -15.50 22.63
C LYS C 263 4.40 -15.86 21.61
N HIS C 264 3.43 -14.96 21.39
N HIS C 264 3.47 -14.94 21.35
CA HIS C 264 2.34 -15.12 20.39
CA HIS C 264 2.33 -15.12 20.42
C HIS C 264 2.97 -15.28 19.00
C HIS C 264 2.83 -15.16 18.95
N ILE C 265 3.81 -14.34 18.57
CA ILE C 265 4.49 -14.42 17.23
C ILE C 265 5.18 -15.79 17.07
N ASN C 266 5.86 -16.27 18.10
CA ASN C 266 6.73 -17.48 18.02
C ASN C 266 5.96 -18.77 18.35
N ARG C 267 4.66 -18.69 18.64
CA ARG C 267 3.81 -19.85 19.02
C ARG C 267 4.00 -21.01 18.02
N THR C 268 3.86 -20.74 16.73
CA THR C 268 3.87 -21.79 15.68
C THR C 268 5.28 -22.00 15.14
N LYS C 269 6.29 -21.37 15.75
CA LYS C 269 7.72 -21.56 15.36
C LYS C 269 8.44 -22.28 16.50
N THR C 270 9.74 -22.46 16.34
CA THR C 270 10.61 -23.18 17.29
C THR C 270 11.68 -22.21 17.78
N PRO C 271 11.49 -21.56 18.96
CA PRO C 271 12.55 -20.77 19.58
C PRO C 271 13.88 -21.55 19.61
N ILE C 272 15.02 -20.88 19.44
CA ILE C 272 16.35 -21.54 19.55
C ILE C 272 17.06 -21.01 20.79
N GLN C 273 16.38 -20.16 21.55
CA GLN C 273 16.80 -19.65 22.88
C GLN C 273 15.60 -19.71 23.86
N GLN C 274 15.84 -20.13 25.12
CA GLN C 274 14.80 -20.27 26.18
C GLN C 274 14.26 -18.88 26.51
N SER C 275 15.16 -17.89 26.54
CA SER C 275 14.94 -16.48 26.94
C SER C 275 14.09 -15.77 25.90
N ILE C 276 13.27 -14.82 26.35
CA ILE C 276 12.86 -13.68 25.50
C ILE C 276 13.63 -12.47 26.02
N ILE C 277 14.30 -11.79 25.11
CA ILE C 277 15.02 -10.52 25.37
C ILE C 277 13.97 -9.43 25.57
N ASP C 278 14.05 -8.68 26.66
CA ASP C 278 13.13 -7.55 26.93
C ASP C 278 13.93 -6.44 27.59
N PHE C 279 13.84 -5.22 27.05
CA PHE C 279 14.51 -4.04 27.62
C PHE C 279 13.74 -2.79 27.17
N ASP C 280 14.06 -1.65 27.79
CA ASP C 280 13.43 -0.34 27.55
C ASP C 280 14.48 0.76 27.77
N GLY C 281 14.22 1.95 27.21
CA GLY C 281 14.97 3.19 27.45
C GLY C 281 14.05 4.39 27.51
N LYS C 282 14.44 5.41 28.28
CA LYS C 282 13.69 6.69 28.46
C LYS C 282 14.59 7.86 28.02
N GLY C 283 14.17 8.63 27.00
CA GLY C 283 14.77 9.91 26.60
C GLY C 283 13.82 11.09 26.82
N PRO C 284 14.25 12.35 26.55
CA PRO C 284 13.36 13.50 26.66
C PRO C 284 12.44 13.57 25.43
N GLY C 285 11.13 13.43 25.66
CA GLY C 285 10.09 13.46 24.60
C GLY C 285 9.91 12.13 23.89
N HIS C 286 10.54 11.05 24.37
CA HIS C 286 10.44 9.70 23.77
C HIS C 286 10.82 8.59 24.78
N GLU C 287 10.24 7.41 24.58
CA GLU C 287 10.55 6.14 25.30
C GLU C 287 10.55 5.00 24.27
N VAL C 288 11.25 3.91 24.56
CA VAL C 288 11.25 2.69 23.68
C VAL C 288 11.13 1.46 24.57
N GLU C 289 10.35 0.48 24.14
CA GLU C 289 10.40 -0.91 24.67
C GLU C 289 10.58 -1.88 23.49
N ILE C 290 11.43 -2.91 23.69
CA ILE C 290 11.79 -3.95 22.69
C ILE C 290 11.66 -5.33 23.35
N ALA C 291 11.03 -6.27 22.67
CA ALA C 291 11.05 -7.71 22.99
C ALA C 291 11.56 -8.45 21.77
N MET C 292 12.39 -9.47 21.93
CA MET C 292 12.86 -10.26 20.77
C MET C 292 13.28 -11.65 21.21
N GLN C 293 13.09 -12.60 20.29
CA GLN C 293 13.47 -14.02 20.41
C GLN C 293 13.65 -14.59 19.00
N TRP C 294 14.71 -15.33 18.80
CA TRP C 294 15.01 -16.01 17.52
C TRP C 294 14.34 -17.38 17.51
N ASN C 295 13.79 -17.74 16.36
CA ASN C 295 13.29 -19.09 16.05
C ASN C 295 14.26 -19.75 15.05
N ALA C 296 13.99 -21.00 14.71
CA ALA C 296 14.77 -21.89 13.82
C ALA C 296 14.44 -21.60 12.36
N GLY C 297 13.38 -20.85 12.09
CA GLY C 297 12.94 -20.48 10.74
C GLY C 297 13.84 -19.50 9.98
N TYR C 298 13.35 -19.05 8.82
CA TYR C 298 14.13 -18.33 7.78
C TYR C 298 13.44 -17.01 7.41
N SER C 299 12.44 -16.58 8.20
CA SER C 299 11.71 -15.30 7.95
C SER C 299 11.92 -14.33 9.12
N GLU C 300 11.73 -13.07 8.84
CA GLU C 300 11.82 -11.97 9.80
C GLU C 300 10.37 -11.61 10.15
N SER C 301 9.99 -11.64 11.42
CA SER C 301 8.67 -11.16 11.92
C SER C 301 8.92 -10.09 12.98
N VAL C 302 9.12 -8.85 12.52
CA VAL C 302 9.43 -7.66 13.34
C VAL C 302 8.25 -6.71 13.17
N HIS C 303 7.65 -6.31 14.29
CA HIS C 303 6.40 -5.50 14.31
C HIS C 303 6.74 -4.20 15.03
N THR C 304 6.37 -3.06 14.45
CA THR C 304 6.85 -1.72 14.88
C THR C 304 5.65 -0.84 15.21
N PHE C 305 5.77 -0.07 16.29
CA PHE C 305 4.69 0.80 16.80
C PHE C 305 5.31 2.13 17.22
N ALA C 306 4.61 3.21 16.86
CA ALA C 306 4.89 4.59 17.32
C ALA C 306 3.62 5.11 18.00
N ASN C 307 3.70 5.33 19.32
CA ASN C 307 2.56 5.73 20.17
C ASN C 307 1.38 4.79 19.91
N THR C 308 1.56 3.46 19.93
CA THR C 308 0.45 2.47 19.86
C THR C 308 0.04 2.18 18.40
N ILE C 309 0.33 3.07 17.45
CA ILE C 309 -0.10 2.91 16.03
C ILE C 309 0.86 1.91 15.36
N ASN C 310 0.35 1.09 14.44
CA ASN C 310 1.14 0.07 13.71
C ASN C 310 1.80 0.75 12.51
N THR C 311 3.09 1.04 12.64
CA THR C 311 3.92 1.64 11.56
C THR C 311 4.27 0.51 10.57
N HIS C 312 3.27 0.11 9.76
CA HIS C 312 3.34 -1.00 8.75
C HIS C 312 4.46 -0.73 7.72
N GLU C 313 4.72 0.53 7.38
CA GLU C 313 5.78 0.94 6.42
C GLU C 313 7.09 1.21 7.19
N GLY C 314 7.11 0.98 8.51
CA GLY C 314 8.33 1.01 9.34
C GLY C 314 8.72 2.43 9.74
N GLY C 315 10.01 2.76 9.64
CA GLY C 315 10.54 4.13 9.87
C GLY C 315 11.80 4.15 10.73
N THR C 316 12.04 5.30 11.37
CA THR C 316 13.33 5.69 12.03
C THR C 316 13.55 4.86 13.30
N HIS C 317 12.49 4.43 13.99
CA HIS C 317 12.60 3.51 15.16
C HIS C 317 13.09 2.13 14.68
N GLU C 318 12.60 1.64 13.53
CA GLU C 318 13.03 0.35 12.95
C GLU C 318 14.47 0.47 12.39
N GLU C 319 14.82 1.59 11.78
CA GLU C 319 16.20 1.79 11.22
C GLU C 319 17.19 1.91 12.40
N GLY C 320 16.82 2.59 13.48
CA GLY C 320 17.62 2.66 14.71
C GLY C 320 17.95 1.27 15.21
N PHE C 321 16.92 0.45 15.35
CA PHE C 321 16.97 -0.93 15.89
C PHE C 321 17.84 -1.82 14.99
N ARG C 322 17.54 -1.83 13.69
CA ARG C 322 18.32 -2.60 12.67
C ARG C 322 19.81 -2.29 12.77
N ALA C 323 20.21 -1.01 12.77
CA ALA C 323 21.65 -0.65 12.78
C ALA C 323 22.30 -1.17 14.06
N ALA C 324 21.66 -1.01 15.22
CA ALA C 324 22.24 -1.43 16.51
C ALA C 324 22.39 -2.95 16.56
N LEU C 325 21.40 -3.70 16.06
CA LEU C 325 21.47 -5.19 16.09
C LEU C 325 22.62 -5.66 15.17
N THR C 326 22.74 -5.13 13.95
CA THR C 326 23.82 -5.50 13.00
C THR C 326 25.20 -5.27 13.64
N SER C 327 25.43 -4.11 14.25
CA SER C 327 26.69 -3.76 14.96
C SER C 327 26.95 -4.74 16.11
N VAL C 328 26.02 -4.90 17.04
CA VAL C 328 26.22 -5.77 18.23
C VAL C 328 26.60 -7.19 17.78
N VAL C 329 25.84 -7.81 16.87
CA VAL C 329 26.10 -9.22 16.45
C VAL C 329 27.46 -9.32 15.70
N ASN C 330 27.86 -8.32 14.91
CA ASN C 330 29.18 -8.37 14.20
C ASN C 330 30.31 -8.25 15.23
N ARG C 331 30.24 -7.27 16.13
CA ARG C 331 31.23 -7.09 17.23
C ARG C 331 31.39 -8.42 17.99
N TYR C 332 30.27 -9.05 18.36
CA TYR C 332 30.29 -10.22 19.26
C TYR C 332 30.87 -11.43 18.51
N ALA C 333 30.42 -11.66 17.28
CA ALA C 333 30.90 -12.72 16.35
C ALA C 333 32.42 -12.58 16.17
N LYS C 334 32.93 -11.36 16.12
CA LYS C 334 34.39 -11.12 15.96
C LYS C 334 35.09 -11.36 17.29
N ASP C 335 34.55 -10.83 18.39
CA ASP C 335 35.12 -10.99 19.76
C ASP C 335 35.22 -12.48 20.10
N LYS C 336 34.19 -13.29 19.83
CA LYS C 336 34.20 -14.71 20.26
C LYS C 336 34.81 -15.60 19.17
N LYS C 337 35.33 -15.02 18.08
CA LYS C 337 35.92 -15.73 16.92
C LYS C 337 34.93 -16.74 16.31
N LEU C 338 33.66 -16.36 16.16
CA LEU C 338 32.64 -17.21 15.50
C LEU C 338 32.57 -16.80 14.02
N LEU C 339 33.26 -15.69 13.72
CA LEU C 339 33.44 -15.06 12.38
C LEU C 339 34.90 -14.63 12.26
N LYS C 340 35.61 -15.05 11.20
CA LYS C 340 37.07 -14.77 11.07
C LYS C 340 37.28 -13.26 10.97
N ASP C 341 38.40 -12.78 11.52
CA ASP C 341 38.94 -11.40 11.35
C ASP C 341 38.76 -10.91 9.90
N LYS C 342 39.13 -11.75 8.91
CA LYS C 342 39.29 -11.35 7.48
C LYS C 342 37.95 -11.47 6.73
N ASP C 343 36.97 -12.17 7.31
CA ASP C 343 35.63 -12.39 6.68
C ASP C 343 34.92 -10.99 6.63
N PRO C 344 33.99 -10.86 5.61
CA PRO C 344 33.05 -9.73 5.57
C PRO C 344 32.10 -9.75 6.78
N ASN C 345 31.58 -8.57 7.16
CA ASN C 345 30.48 -8.39 8.16
C ASN C 345 29.26 -9.19 7.72
N LEU C 346 28.50 -9.65 8.72
CA LEU C 346 27.13 -10.21 8.61
C LEU C 346 26.23 -9.05 8.14
N THR C 347 25.28 -9.32 7.23
CA THR C 347 24.24 -8.33 6.81
C THR C 347 23.02 -8.46 7.71
N GLY C 348 22.15 -7.45 7.70
CA GLY C 348 20.85 -7.47 8.42
C GLY C 348 20.00 -8.65 8.00
N ASP C 349 19.92 -8.95 6.70
CA ASP C 349 19.27 -10.19 6.19
C ASP C 349 19.81 -11.40 6.95
N ASP C 350 21.13 -11.50 7.18
CA ASP C 350 21.72 -12.70 7.86
C ASP C 350 21.24 -12.73 9.32
N ILE C 351 21.26 -11.60 10.02
CA ILE C 351 21.13 -11.57 11.50
C ILE C 351 19.64 -11.69 11.92
N ARG C 352 18.72 -11.26 11.05
CA ARG C 352 17.26 -11.10 11.32
C ARG C 352 16.47 -12.27 10.73
N GLU C 353 17.16 -13.20 10.06
CA GLU C 353 16.61 -14.53 9.72
C GLU C 353 16.25 -15.26 11.02
N GLY C 354 14.95 -15.57 11.17
CA GLY C 354 14.35 -16.21 12.35
C GLY C 354 14.11 -15.24 13.49
N LEU C 355 14.16 -13.93 13.26
CA LEU C 355 13.95 -12.98 14.36
C LEU C 355 12.46 -12.68 14.50
N ALA C 356 11.88 -12.93 15.68
CA ALA C 356 10.59 -12.36 16.15
C ALA C 356 10.93 -11.20 17.08
N ALA C 357 10.40 -10.01 16.81
CA ALA C 357 10.73 -8.80 17.61
C ALA C 357 9.56 -7.83 17.57
N VAL C 358 9.38 -7.08 18.65
CA VAL C 358 8.46 -5.93 18.67
C VAL C 358 9.22 -4.73 19.18
N ILE C 359 9.01 -3.61 18.51
CA ILE C 359 9.56 -2.27 18.86
C ILE C 359 8.37 -1.32 19.06
N SER C 360 8.16 -0.86 20.28
CA SER C 360 7.13 0.14 20.63
C SER C 360 7.84 1.41 21.09
N VAL C 361 7.72 2.50 20.33
CA VAL C 361 8.24 3.82 20.77
C VAL C 361 7.05 4.70 21.10
N LYS C 362 7.27 5.59 22.07
CA LYS C 362 6.42 6.76 22.41
C LYS C 362 7.18 8.00 21.94
N VAL C 363 6.49 8.95 21.32
CA VAL C 363 7.09 10.23 20.80
C VAL C 363 6.16 11.37 21.21
N ALA C 364 6.65 12.29 22.05
CA ALA C 364 5.93 13.50 22.50
C ALA C 364 5.42 14.28 21.28
N GLU C 365 6.30 14.50 20.29
CA GLU C 365 5.95 15.19 19.01
C GLU C 365 6.28 14.26 17.84
N PRO C 366 5.34 13.39 17.40
CA PRO C 366 5.58 12.49 16.28
C PRO C 366 5.50 13.21 14.92
N GLN C 367 6.25 12.69 13.94
CA GLN C 367 6.28 13.16 12.52
C GLN C 367 6.15 11.93 11.60
N PHE C 368 5.14 11.92 10.72
CA PHE C 368 4.80 10.77 9.84
C PHE C 368 5.08 11.11 8.37
N GLU C 369 5.51 10.11 7.59
CA GLU C 369 5.85 10.23 6.13
C GLU C 369 4.91 9.31 5.32
N GLY C 370 4.81 9.56 4.01
CA GLY C 370 3.81 8.95 3.11
C GLY C 370 2.41 9.47 3.39
N GLN C 371 1.50 9.41 2.42
CA GLN C 371 0.06 9.75 2.59
C GLN C 371 -0.66 8.56 3.27
N THR C 372 -0.01 7.38 3.31
CA THR C 372 -0.36 6.23 4.18
C THR C 372 -0.28 6.68 5.64
N LYS C 373 0.79 7.42 5.98
CA LYS C 373 1.07 7.99 7.32
C LYS C 373 1.48 6.86 8.28
N THR C 374 1.94 5.72 7.75
CA THR C 374 2.31 4.52 8.52
C THR C 374 3.85 4.44 8.66
N LYS C 375 4.58 5.54 8.43
CA LYS C 375 6.07 5.58 8.51
C LYS C 375 6.53 6.73 9.41
N LEU C 376 7.24 6.41 10.51
CA LEU C 376 7.84 7.39 11.46
C LEU C 376 9.08 8.02 10.85
N GLY C 377 9.12 9.36 10.75
CA GLY C 377 10.21 10.14 10.13
C GLY C 377 11.05 10.93 11.14
N ASN C 378 10.69 10.92 12.42
CA ASN C 378 11.39 11.63 13.53
C ASN C 378 12.89 11.27 13.52
N THR C 379 13.74 12.23 13.16
CA THR C 379 15.21 12.07 13.02
C THR C 379 15.83 11.51 14.30
N GLU C 380 15.56 12.13 15.45
CA GLU C 380 16.27 11.89 16.74
C GLU C 380 15.84 10.54 17.35
N VAL C 381 14.77 9.92 16.81
CA VAL C 381 14.29 8.59 17.29
C VAL C 381 15.27 7.50 16.83
N LYS C 382 15.73 7.56 15.57
CA LYS C 382 16.78 6.67 15.01
C LYS C 382 17.94 6.51 16.01
N SER C 383 18.61 7.61 16.37
CA SER C 383 19.82 7.57 17.23
C SER C 383 19.42 7.18 18.67
N PHE C 384 18.24 7.57 19.14
CA PHE C 384 17.73 7.22 20.50
C PHE C 384 17.58 5.70 20.61
N VAL C 385 16.86 5.11 19.66
CA VAL C 385 16.56 3.65 19.60
C VAL C 385 17.89 2.91 19.41
N GLN C 386 18.67 3.31 18.42
CA GLN C 386 20.00 2.72 18.12
C GLN C 386 20.85 2.73 19.40
N LYS C 387 20.95 3.87 20.08
CA LYS C 387 21.74 4.05 21.34
C LYS C 387 21.29 3.00 22.35
N ILE C 388 19.98 2.91 22.61
CA ILE C 388 19.42 2.06 23.69
C ILE C 388 19.68 0.60 23.34
N CYS C 389 19.36 0.19 22.11
CA CYS C 389 19.53 -1.20 21.62
C CYS C 389 21.01 -1.60 21.73
N ASN C 390 21.95 -0.75 21.27
CA ASN C 390 23.42 -0.96 21.44
C ASN C 390 23.71 -1.32 22.91
N GLU C 391 23.30 -0.48 23.85
CA GLU C 391 23.64 -0.70 25.28
C GLU C 391 23.03 -2.04 25.74
N GLN C 392 21.73 -2.26 25.50
CA GLN C 392 20.98 -3.38 26.14
C GLN C 392 21.32 -4.70 25.43
N LEU C 393 21.55 -4.70 24.12
CA LEU C 393 21.89 -5.95 23.38
C LEU C 393 23.34 -6.39 23.72
N GLN C 394 24.30 -5.45 23.79
N GLN C 394 24.30 -5.47 23.81
CA GLN C 394 25.70 -5.71 24.23
CA GLN C 394 25.69 -5.79 24.20
C GLN C 394 25.63 -6.45 25.57
C GLN C 394 25.65 -6.47 25.59
N HIS C 395 24.94 -5.85 26.54
CA HIS C 395 24.71 -6.42 27.90
C HIS C 395 24.20 -7.85 27.78
N TRP C 396 23.13 -8.06 27.02
CA TRP C 396 22.45 -9.38 26.92
C TRP C 396 23.38 -10.41 26.27
N PHE C 397 23.96 -10.09 25.10
CA PHE C 397 24.93 -10.99 24.41
C PHE C 397 26.06 -11.32 25.38
N GLU C 398 26.62 -10.33 26.09
CA GLU C 398 27.72 -10.55 27.08
C GLU C 398 27.27 -11.56 28.14
N ALA C 399 26.02 -11.45 28.65
CA ALA C 399 25.56 -12.24 29.82
C ALA C 399 25.12 -13.65 29.42
N ASN C 400 24.83 -13.91 28.14
CA ASN C 400 24.14 -15.16 27.71
C ASN C 400 24.92 -15.84 26.59
N PRO C 401 26.12 -16.38 26.92
CA PRO C 401 27.04 -16.89 25.89
C PRO C 401 26.50 -18.06 25.06
N ALA C 402 25.77 -19.01 25.66
CA ALA C 402 25.33 -20.26 24.98
C ALA C 402 24.27 -19.96 23.90
N GLU C 403 23.33 -19.06 24.21
CA GLU C 403 22.20 -18.67 23.35
C GLU C 403 22.75 -17.78 22.23
N ALA C 404 23.59 -16.82 22.61
CA ALA C 404 24.34 -15.90 21.72
C ALA C 404 25.10 -16.69 20.64
N LYS C 405 25.79 -17.77 21.03
CA LYS C 405 26.55 -18.64 20.09
C LYS C 405 25.56 -19.24 19.07
N THR C 406 24.45 -19.82 19.53
CA THR C 406 23.38 -20.41 18.68
C THR C 406 22.89 -19.40 17.66
N VAL C 407 22.68 -18.16 18.09
CA VAL C 407 22.08 -17.08 17.25
C VAL C 407 23.14 -16.61 16.26
N VAL C 408 24.37 -16.38 16.71
CA VAL C 408 25.47 -15.91 15.81
C VAL C 408 25.81 -16.99 14.77
N ASN C 409 25.86 -18.27 15.18
CA ASN C 409 26.16 -19.41 14.28
C ASN C 409 25.07 -19.49 13.21
N LYS C 410 23.82 -19.25 13.56
CA LYS C 410 22.69 -19.29 12.61
C LYS C 410 22.92 -18.21 11.55
N ALA C 411 23.30 -17.00 11.99
CA ALA C 411 23.55 -15.85 11.10
C ALA C 411 24.83 -16.08 10.26
N VAL C 412 25.84 -16.76 10.81
CA VAL C 412 27.12 -17.04 10.09
C VAL C 412 26.85 -18.01 8.94
N SER C 413 26.10 -19.09 9.21
CA SER C 413 25.77 -20.13 8.20
C SER C 413 24.90 -19.48 7.11
N SER C 414 24.01 -18.56 7.49
CA SER C 414 23.16 -17.80 6.54
C SER C 414 24.03 -16.92 5.64
N ALA C 415 25.04 -16.25 6.22
CA ALA C 415 25.95 -15.31 5.55
C ALA C 415 26.79 -16.06 4.51
N GLN C 416 27.22 -17.27 4.82
CA GLN C 416 28.04 -18.15 3.94
C GLN C 416 27.18 -18.64 2.77
N ALA C 417 25.89 -18.92 2.98
CA ALA C 417 24.99 -19.37 1.88
C ALA C 417 24.71 -18.18 0.99
N ARG C 418 24.47 -17.00 1.57
CA ARG C 418 24.14 -15.79 0.77
CA ARG C 418 24.15 -15.76 0.81
C ARG C 418 25.35 -15.39 -0.09
N ILE C 419 26.57 -15.42 0.45
CA ILE C 419 27.82 -15.07 -0.33
C ILE C 419 28.05 -16.10 -1.45
N ALA C 420 27.92 -17.39 -1.19
CA ALA C 420 28.04 -18.49 -2.18
C ALA C 420 26.94 -18.38 -3.26
N ALA C 421 25.69 -18.12 -2.88
CA ALA C 421 24.59 -17.92 -3.84
C ALA C 421 24.94 -16.77 -4.80
N ARG C 422 25.41 -15.64 -4.28
CA ARG C 422 25.67 -14.43 -5.10
C ARG C 422 26.86 -14.65 -6.06
N LYS C 423 27.94 -15.28 -5.58
CA LYS C 423 29.15 -15.59 -6.38
C LYS C 423 28.73 -16.49 -7.56
N ALA C 424 27.81 -17.45 -7.32
CA ALA C 424 27.39 -18.45 -8.33
C ALA C 424 26.42 -17.83 -9.36
N ARG C 425 25.56 -16.91 -8.93
CA ARG C 425 24.67 -16.13 -9.85
C ARG C 425 25.50 -15.16 -10.71
N GLU C 426 26.56 -14.54 -10.18
CA GLU C 426 27.39 -13.53 -10.90
C GLU C 426 28.46 -14.20 -11.78
N LEU C 427 28.51 -15.55 -11.81
CA LEU C 427 29.39 -16.37 -12.69
C LEU C 427 28.52 -17.33 -13.53
#